data_8V67
#
_entry.id   8V67
#
_cell.length_a   229.785
_cell.length_b   229.785
_cell.length_c   67.388
_cell.angle_alpha   90.00
_cell.angle_beta   90.00
_cell.angle_gamma   120.00
#
_symmetry.space_group_name_H-M   'H 3'
#
loop_
_entity.id
_entity.type
_entity.pdbx_description
1 polymer Saxiphilin
2 non-polymer 'PENTAETHYLENE GLYCOL'
3 non-polymer '({[(3aS,4R,7R,9R,10aS)-2,6-diamino-10,10-dihydroxy-9-(sulfooxy)-3a,4,9,10-tetrahydro-1H,8H-pyrrolo[1,2-c]purin-4-yl]methoxy}carbonyl)sulfamic acid'
4 water water
#
_entity_poly.entity_id   1
_entity_poly.type   'polypeptide(L)'
_entity_poly.pdbx_seq_one_letter_code
;MALTFHTALYFTIVGLSFAASDARHVQWCTISHLEQKKCNDLVGSCNVPDITLACVYRSSTENCMAAIKDGQADAMFLDS
GDVYKASLDHYNLKPIIAEPYSLHRELTKCLKHRQESLGGDKMVKGRYIPQCDEKGNYHPVQCHASTGYCWCVNANGEKI
EGTNTTPVQTPPTCPSQVLTKCLKERQEALGGKRIAIGRYIPQCDEQGNYRPMQCHGSTGYCWCVNAIGEKIEGTNTPPG
NTQPTCQSHDWDTCHYAVAVVKNSSTFQFGQLKGKRSCHSGLSKTDGWNAPVNVFVEKKLLPWDGLAKGSIERAVSKFFS
ASCIPGATETNLCKQCIGEEEKKCKSSHDEPYYGDHGAFRCLQEDKGDVAFLKNTALPDEHSGVYELLCPDNTRKPLNKY
KECNLGKVPADAVVTRKAGDKTKDINDFLLEAQKKKCKLFGSPHGKDLMFDDSTTHLAPLPSEIDAFFFLGVKWYNAMKA
LTEDVKLPSKNKVRWCTINKPEMMKCKDWAAVSGGAIACTEASCPEHCVKQILKGEADAVTLDVQYMYMALMCGLLPAVE
EYPNKDDFHPCQIPGSTIKDFGTKRAVALVKKSNKDIKWNNLKGKKSCHTHVGDIPGWVIPAGLISNQNDNIDIESFFGE
SCAPGSDTNSKLCKLCIGDPENPKASTRCSLSDKEAYYGNEGAFRCLVEKGDVAFVPHTVVFANTDGKNPAEWAKDLKSE
DFEILCLDGSRAPVTNYRGCNLSGLPPRAIVTREESVSDVVRILINQQSLYGRNGFEKDMFQMFSSAKGQNLLFNDETQC
LIEFDRQPKDIMEDYFGVRYYTAVYSASRSAVPSELIPACTFKHCSNSLEVLFQ
;
_entity_poly.pdbx_strand_id   A
#
# COMPACT_ATOMS: atom_id res chain seq x y z
N ARG A 24 8.89 30.93 2.76
CA ARG A 24 8.73 29.55 3.25
C ARG A 24 9.94 29.09 4.05
N HIS A 25 9.66 28.47 5.19
CA HIS A 25 10.71 28.07 6.13
C HIS A 25 10.53 26.61 6.48
N VAL A 26 11.64 25.91 6.65
CA VAL A 26 11.63 24.60 7.30
C VAL A 26 12.55 24.71 8.50
N GLN A 27 12.04 24.36 9.68
CA GLN A 27 12.78 24.38 10.92
C GLN A 27 13.13 22.96 11.32
N TRP A 28 14.41 22.62 11.24
CA TRP A 28 14.85 21.26 11.53
C TRP A 28 15.24 21.14 13.00
N CYS A 29 14.72 20.13 13.69
CA CYS A 29 15.09 19.89 15.08
C CYS A 29 16.32 18.99 15.19
N THR A 30 17.36 19.50 15.83
CA THR A 30 18.58 18.74 16.06
C THR A 30 18.68 18.35 17.52
N ILE A 31 19.38 17.24 17.79
CA ILE A 31 19.41 16.66 19.12
C ILE A 31 20.74 16.86 19.82
N SER A 32 21.67 17.58 19.23
CA SER A 32 22.99 17.62 19.82
C SER A 32 23.73 18.83 19.30
N HIS A 33 24.77 19.20 20.02
CA HIS A 33 25.62 20.30 19.57
C HIS A 33 26.27 19.96 18.24
N LEU A 34 26.74 18.71 18.09
CA LEU A 34 27.36 18.31 16.82
C LEU A 34 26.36 18.41 15.67
N GLU A 35 25.15 17.88 15.88
CA GLU A 35 24.18 17.89 14.78
C GLU A 35 23.75 19.31 14.43
N GLN A 36 23.59 20.16 15.46
CA GLN A 36 23.21 21.56 15.19
C GLN A 36 24.28 22.24 14.36
N LYS A 37 25.54 21.93 14.63
CA LYS A 37 26.65 22.43 13.83
C LYS A 37 26.49 22.03 12.36
N LYS A 38 26.27 20.74 12.08
CA LYS A 38 26.07 20.33 10.70
C LYS A 38 24.84 20.97 10.08
N CYS A 39 23.75 21.05 10.83
CA CYS A 39 22.57 21.70 10.26
C CYS A 39 22.86 23.16 9.94
N ASN A 40 23.61 23.84 10.81
CA ASN A 40 24.01 25.23 10.55
C ASN A 40 24.85 25.36 9.28
N ASP A 41 25.75 24.42 9.04
CA ASP A 41 26.53 24.45 7.80
C ASP A 41 25.61 24.34 6.59
N LEU A 42 24.58 23.49 6.69
CA LEU A 42 23.67 23.33 5.57
C LEU A 42 22.92 24.62 5.28
N VAL A 43 22.59 25.39 6.31
CA VAL A 43 21.91 26.67 6.08
C VAL A 43 22.79 27.56 5.21
N GLY A 44 24.10 27.53 5.45
CA GLY A 44 25.00 28.32 4.63
C GLY A 44 25.24 27.71 3.26
N SER A 45 25.50 26.40 3.22
CA SER A 45 26.00 25.84 1.97
C SER A 45 24.90 25.49 0.99
N CYS A 46 23.72 25.17 1.49
CA CYS A 46 22.65 24.65 0.66
C CYS A 46 21.70 25.77 0.28
N ASN A 47 21.66 26.11 -0.99
CA ASN A 47 20.82 27.21 -1.46
C ASN A 47 19.66 26.63 -2.24
N VAL A 48 18.54 26.48 -1.54
CA VAL A 48 17.28 26.09 -2.16
C VAL A 48 16.43 27.35 -2.31
N PRO A 49 16.24 27.86 -3.52
CA PRO A 49 15.40 29.05 -3.66
C PRO A 49 13.98 28.75 -3.18
N ASP A 50 13.38 29.76 -2.55
CA ASP A 50 11.98 29.76 -2.12
C ASP A 50 11.81 29.12 -0.75
N ILE A 51 12.80 28.37 -0.26
CA ILE A 51 12.63 27.68 1.00
C ILE A 51 13.92 27.82 1.79
N THR A 52 13.83 28.42 2.96
CA THR A 52 14.97 28.60 3.83
C THR A 52 14.94 27.56 4.94
N LEU A 53 16.09 26.96 5.21
CA LEU A 53 16.23 26.02 6.30
C LEU A 53 16.67 26.77 7.55
N ALA A 54 16.13 26.39 8.70
CA ALA A 54 16.71 26.87 9.95
C ALA A 54 16.77 25.70 10.93
N CYS A 55 17.65 25.84 11.90
CA CYS A 55 17.98 24.77 12.82
C CYS A 55 17.64 25.13 14.26
N VAL A 56 16.88 24.27 14.93
CA VAL A 56 16.47 24.47 16.32
C VAL A 56 17.08 23.37 17.19
N TYR A 57 17.89 23.77 18.18
CA TYR A 57 18.57 22.81 19.07
C TYR A 57 17.68 22.34 20.21
N ARG A 58 17.66 21.03 20.46
CA ARG A 58 17.12 20.44 21.68
C ARG A 58 18.07 19.36 22.15
N SER A 59 17.90 18.92 23.40
CA SER A 59 18.97 18.17 24.05
C SER A 59 18.86 16.67 23.84
N SER A 60 17.78 16.18 23.25
CA SER A 60 17.64 14.74 23.05
C SER A 60 16.56 14.48 22.03
N THR A 61 16.48 13.20 21.63
CA THR A 61 15.49 12.78 20.66
C THR A 61 14.09 13.13 21.13
N GLU A 62 13.78 12.86 22.41
CA GLU A 62 12.43 13.04 22.92
C GLU A 62 12.07 14.52 23.07
N ASN A 63 13.05 15.36 23.39
CA ASN A 63 12.76 16.79 23.48
C ASN A 63 12.46 17.36 22.10
N CYS A 64 13.07 16.78 21.05
CA CYS A 64 12.78 17.23 19.70
C CYS A 64 11.41 16.77 19.26
N MET A 65 11.04 15.51 19.53
CA MET A 65 9.67 15.09 19.25
C MET A 65 8.64 16.07 19.83
N ALA A 66 8.86 16.49 21.08
CA ALA A 66 7.92 17.41 21.73
C ALA A 66 7.97 18.79 21.08
N ALA A 67 9.17 19.26 20.74
CA ALA A 67 9.31 20.50 19.97
C ALA A 67 8.51 20.46 18.67
N ILE A 68 8.51 19.32 17.97
CA ILE A 68 7.78 19.26 16.71
C ILE A 68 6.29 19.25 16.98
N LYS A 69 5.88 18.48 18.00
CA LYS A 69 4.48 18.47 18.41
C LYS A 69 3.99 19.88 18.74
N ASP A 70 4.81 20.65 19.44
CA ASP A 70 4.41 21.98 19.88
C ASP A 70 4.61 23.07 18.84
N GLY A 71 5.14 22.77 17.66
CA GLY A 71 5.37 23.78 16.66
C GLY A 71 6.67 24.53 16.80
N GLN A 72 7.50 24.17 17.78
CA GLN A 72 8.82 24.81 17.88
C GLN A 72 9.72 24.45 16.70
N ALA A 73 9.45 23.34 16.02
CA ALA A 73 10.22 22.86 14.87
C ALA A 73 9.29 22.01 14.03
N ASP A 74 9.75 21.65 12.82
CA ASP A 74 8.90 20.99 11.84
C ASP A 74 9.30 19.55 11.50
N ALA A 75 10.58 19.19 11.62
CA ALA A 75 10.99 17.89 11.10
C ALA A 75 12.23 17.40 11.79
N MET A 76 12.35 16.08 11.91
CA MET A 76 13.62 15.47 12.24
C MET A 76 13.62 14.08 11.61
N PHE A 77 14.81 13.45 11.60
CA PHE A 77 14.99 12.07 11.13
C PHE A 77 14.95 11.14 12.33
N LEU A 78 14.13 10.08 12.28
CA LEU A 78 14.00 9.16 13.39
C LEU A 78 14.30 7.70 13.01
N ASP A 79 15.03 7.02 13.89
CA ASP A 79 15.07 5.57 13.89
C ASP A 79 13.66 5.00 13.92
N SER A 80 13.47 3.84 13.25
CA SER A 80 12.14 3.21 13.20
C SER A 80 11.54 2.99 14.60
N GLY A 81 12.37 2.73 15.61
CA GLY A 81 11.82 2.57 16.96
C GLY A 81 11.21 3.86 17.48
N ASP A 82 11.87 4.99 17.21
CA ASP A 82 11.32 6.29 17.55
C ASP A 82 10.16 6.68 16.66
N VAL A 83 10.15 6.20 15.42
CA VAL A 83 8.98 6.44 14.58
C VAL A 83 7.75 5.88 15.26
N TYR A 84 7.86 4.66 15.81
CA TYR A 84 6.73 4.05 16.48
C TYR A 84 6.34 4.85 17.72
N LYS A 85 7.33 5.26 18.50
CA LYS A 85 7.06 5.98 19.73
C LYS A 85 6.41 7.32 19.42
N ALA A 86 6.89 8.02 18.39
CA ALA A 86 6.36 9.33 18.04
C ALA A 86 4.96 9.25 17.53
N SER A 87 4.52 8.07 17.07
CA SER A 87 3.18 7.94 16.49
C SER A 87 2.10 7.85 17.54
N LEU A 88 2.44 7.66 18.82
CA LEU A 88 1.45 7.52 19.89
C LEU A 88 0.92 8.90 20.31
N ASP A 89 -0.20 8.88 21.04
CA ASP A 89 -0.93 10.11 21.34
C ASP A 89 -0.10 11.14 22.09
N HIS A 90 1.01 10.74 22.72
CA HIS A 90 1.84 11.74 23.40
C HIS A 90 2.42 12.75 22.40
N TYR A 91 2.76 12.31 21.18
CA TYR A 91 3.48 13.19 20.25
C TYR A 91 2.75 13.40 18.95
N ASN A 92 2.10 12.37 18.43
CA ASN A 92 1.25 12.48 17.25
C ASN A 92 2.03 12.95 16.02
N LEU A 93 3.14 12.27 15.74
CA LEU A 93 3.97 12.52 14.56
C LEU A 93 3.82 11.37 13.58
N LYS A 94 4.12 11.60 12.30
CA LYS A 94 4.01 10.58 11.29
C LYS A 94 5.22 10.65 10.37
N PRO A 95 5.63 9.50 9.80
CA PRO A 95 6.73 9.51 8.83
C PRO A 95 6.26 10.03 7.49
N ILE A 96 7.10 10.82 6.84
CA ILE A 96 6.75 11.35 5.53
C ILE A 96 7.81 11.07 4.46
N ILE A 97 9.06 10.91 4.84
CA ILE A 97 10.15 10.74 3.85
C ILE A 97 11.09 9.65 4.32
N ALA A 98 11.55 8.79 3.39
CA ALA A 98 12.49 7.72 3.75
C ALA A 98 13.24 7.23 2.50
N GLU A 99 14.33 6.48 2.73
CA GLU A 99 15.05 5.89 1.58
C GLU A 99 14.32 4.66 1.05
N PRO A 100 13.99 4.62 -0.24
CA PRO A 100 13.41 3.39 -0.81
C PRO A 100 14.29 2.17 -0.58
N TYR A 101 13.66 1.01 -0.37
CA TYR A 101 14.40 -0.25 -0.28
C TYR A 101 13.65 -1.31 -1.08
N SER A 102 14.29 -2.48 -1.18
CA SER A 102 13.87 -3.55 -2.06
C SER A 102 13.96 -4.87 -1.31
N LEU A 103 13.02 -5.78 -1.55
CA LEU A 103 13.07 -7.06 -0.83
C LEU A 103 13.65 -8.19 -1.66
N HIS A 104 13.32 -8.24 -2.95
CA HIS A 104 13.81 -9.24 -3.88
C HIS A 104 13.70 -8.64 -5.29
N ARG A 105 14.28 -9.32 -6.26
CA ARG A 105 14.12 -8.81 -7.62
C ARG A 105 12.68 -9.03 -8.06
N GLU A 106 12.14 -8.05 -8.77
CA GLU A 106 10.79 -8.12 -9.31
C GLU A 106 10.84 -8.05 -10.82
N LEU A 107 9.79 -8.56 -11.46
CA LEU A 107 9.54 -8.31 -12.88
C LEU A 107 9.60 -6.83 -13.16
N THR A 108 10.12 -6.43 -14.34
CA THR A 108 9.98 -5.02 -14.64
C THR A 108 8.50 -4.67 -14.78
N LYS A 109 8.22 -3.37 -14.67
CA LYS A 109 6.85 -2.90 -14.77
C LYS A 109 6.23 -3.22 -16.12
N CYS A 110 6.99 -2.98 -17.21
CA CYS A 110 6.44 -3.23 -18.54
C CYS A 110 6.09 -4.70 -18.72
N LEU A 111 6.94 -5.60 -18.23
CA LEU A 111 6.65 -7.01 -18.43
C LEU A 111 5.49 -7.46 -17.55
N LYS A 112 5.39 -6.90 -16.35
CA LYS A 112 4.22 -7.18 -15.50
C LYS A 112 2.94 -6.71 -16.17
N HIS A 113 2.95 -5.49 -16.68
CA HIS A 113 1.79 -4.94 -17.36
C HIS A 113 1.42 -5.77 -18.59
N ARG A 114 2.42 -6.23 -19.35
CA ARG A 114 2.12 -7.10 -20.48
C ARG A 114 1.41 -8.36 -20.01
N GLN A 115 1.94 -9.00 -18.98
CA GLN A 115 1.36 -10.24 -18.49
C GLN A 115 -0.08 -10.03 -18.04
N GLU A 116 -0.34 -8.96 -17.30
CA GLU A 116 -1.70 -8.66 -16.84
C GLU A 116 -2.65 -8.49 -18.01
N SER A 117 -2.31 -7.62 -18.96
CA SER A 117 -3.28 -7.32 -20.00
C SER A 117 -3.49 -8.50 -20.91
N LEU A 118 -2.46 -9.32 -21.11
CA LEU A 118 -2.64 -10.56 -21.85
C LEU A 118 -3.48 -11.58 -21.07
N GLY A 119 -3.55 -11.44 -19.75
CA GLY A 119 -4.45 -12.29 -18.99
C GLY A 119 -5.87 -11.77 -18.85
N GLY A 120 -6.19 -10.62 -19.46
CA GLY A 120 -7.53 -10.10 -19.40
C GLY A 120 -8.49 -10.95 -20.23
N ASP A 121 -9.75 -10.51 -20.22
CA ASP A 121 -10.83 -11.23 -20.90
C ASP A 121 -10.69 -11.08 -22.40
N LYS A 122 -10.40 -12.19 -23.09
CA LYS A 122 -10.23 -12.10 -24.53
C LYS A 122 -11.48 -11.65 -25.24
N MET A 123 -12.67 -11.82 -24.64
CA MET A 123 -13.90 -11.35 -25.26
C MET A 123 -14.02 -9.83 -25.24
N VAL A 124 -13.21 -9.15 -24.43
CA VAL A 124 -13.12 -7.68 -24.48
C VAL A 124 -12.03 -7.36 -25.51
N LYS A 125 -12.44 -7.16 -26.76
CA LYS A 125 -11.47 -7.06 -27.85
C LYS A 125 -10.88 -5.66 -27.94
N GLY A 126 -9.71 -5.60 -28.57
CA GLY A 126 -9.06 -4.32 -28.83
C GLY A 126 -8.46 -3.58 -27.64
N ARG A 127 -7.87 -4.31 -26.70
CA ARG A 127 -7.27 -3.63 -25.57
C ARG A 127 -5.81 -3.31 -25.84
N TYR A 128 -5.28 -2.33 -25.11
CA TYR A 128 -3.89 -1.93 -25.24
C TYR A 128 -3.00 -2.97 -24.56
N ILE A 129 -1.97 -3.43 -25.28
CA ILE A 129 -0.99 -4.35 -24.75
C ILE A 129 0.35 -3.63 -24.85
N PRO A 130 1.04 -3.34 -23.74
CA PRO A 130 2.28 -2.53 -23.81
C PRO A 130 3.36 -3.20 -24.63
N GLN A 131 4.29 -2.38 -25.12
CA GLN A 131 5.46 -2.82 -25.89
C GLN A 131 6.71 -2.60 -25.04
N CYS A 132 7.43 -3.67 -24.73
CA CYS A 132 8.63 -3.64 -23.91
C CYS A 132 9.86 -3.86 -24.80
N ASP A 133 10.99 -3.38 -24.35
CA ASP A 133 12.23 -3.45 -25.10
C ASP A 133 13.09 -4.59 -24.54
N GLU A 134 14.29 -4.72 -25.06
CA GLU A 134 15.14 -5.88 -24.78
C GLU A 134 15.62 -5.95 -23.33
N LYS A 135 15.50 -4.87 -22.56
CA LYS A 135 15.77 -4.88 -21.13
C LYS A 135 14.50 -5.03 -20.31
N GLY A 136 13.35 -5.14 -20.97
CA GLY A 136 12.08 -5.22 -20.30
C GLY A 136 11.47 -3.89 -19.93
N ASN A 137 12.04 -2.79 -20.38
CA ASN A 137 11.44 -1.48 -20.09
C ASN A 137 10.42 -1.09 -21.16
N TYR A 138 9.61 -0.09 -20.85
CA TYR A 138 8.69 0.46 -21.84
C TYR A 138 9.46 1.13 -22.95
N HIS A 139 9.16 0.78 -24.19
CA HIS A 139 9.56 1.67 -25.29
C HIS A 139 8.96 3.04 -25.02
N PRO A 140 9.72 4.12 -25.20
CA PRO A 140 9.16 5.44 -24.90
C PRO A 140 7.94 5.79 -25.73
N VAL A 141 7.78 5.22 -26.92
CA VAL A 141 6.57 5.36 -27.73
C VAL A 141 5.71 4.14 -27.49
N GLN A 142 4.48 4.33 -27.04
CA GLN A 142 3.54 3.23 -26.88
C GLN A 142 2.40 3.37 -27.88
N CYS A 143 1.89 2.25 -28.39
CA CYS A 143 0.84 2.33 -29.39
C CYS A 143 -0.27 1.35 -29.08
N HIS A 144 -1.44 1.67 -29.57
CA HIS A 144 -2.64 0.90 -29.37
C HIS A 144 -3.04 0.33 -30.73
N ALA A 145 -2.81 -0.99 -30.92
CA ALA A 145 -2.94 -1.60 -32.24
C ALA A 145 -4.30 -1.32 -32.88
N SER A 146 -5.38 -1.58 -32.15
CA SER A 146 -6.70 -1.48 -32.74
C SER A 146 -7.15 -0.06 -33.04
N THR A 147 -6.54 0.96 -32.44
CA THR A 147 -6.92 2.33 -32.78
C THR A 147 -5.86 3.08 -33.56
N GLY A 148 -4.65 2.56 -33.63
CA GLY A 148 -3.58 3.26 -34.32
C GLY A 148 -3.05 4.48 -33.60
N TYR A 149 -3.51 4.77 -32.38
CA TYR A 149 -2.99 5.89 -31.62
C TYR A 149 -1.67 5.51 -30.95
N CYS A 150 -0.71 6.44 -30.97
CA CYS A 150 0.55 6.32 -30.25
C CYS A 150 0.67 7.48 -29.28
N TRP A 151 1.52 7.33 -28.27
CA TRP A 151 1.77 8.40 -27.29
C TRP A 151 3.11 8.14 -26.63
N CYS A 152 3.60 9.14 -25.89
CA CYS A 152 4.83 9.00 -25.10
C CYS A 152 4.49 8.57 -23.67
N VAL A 153 5.41 7.84 -23.03
CA VAL A 153 5.21 7.37 -21.66
C VAL A 153 6.45 7.75 -20.86
N ASN A 154 6.29 7.80 -19.52
CA ASN A 154 7.44 7.88 -18.63
C ASN A 154 7.94 6.46 -18.29
N ALA A 155 8.93 6.37 -17.39
CA ALA A 155 9.52 5.07 -17.05
C ALA A 155 8.48 4.13 -16.45
N ASN A 156 7.46 4.67 -15.81
CA ASN A 156 6.40 3.85 -15.27
C ASN A 156 5.35 3.46 -16.29
N GLY A 157 5.53 3.82 -17.57
CA GLY A 157 4.56 3.46 -18.58
C GLY A 157 3.30 4.28 -18.54
N GLU A 158 3.31 5.41 -17.83
CA GLU A 158 2.15 6.29 -17.76
C GLU A 158 2.22 7.33 -18.87
N LYS A 159 1.10 7.51 -19.59
CA LYS A 159 1.02 8.45 -20.71
C LYS A 159 1.42 9.85 -20.28
N ILE A 160 2.33 10.47 -21.05
CA ILE A 160 2.57 11.91 -20.95
C ILE A 160 1.37 12.58 -21.62
N GLU A 161 0.45 13.14 -20.83
CA GLU A 161 -0.80 13.62 -21.45
C GLU A 161 -0.49 14.69 -22.49
N GLY A 162 -1.27 14.68 -23.56
CA GLY A 162 -1.06 15.62 -24.64
C GLY A 162 -0.02 15.23 -25.67
N THR A 163 0.41 13.97 -25.71
CA THR A 163 1.33 13.49 -26.74
C THR A 163 0.66 12.53 -27.70
N ASN A 164 -0.65 12.27 -27.53
CA ASN A 164 -1.38 11.35 -28.40
C ASN A 164 -1.27 11.80 -29.85
N THR A 165 -0.91 10.88 -30.76
CA THR A 165 -0.98 11.16 -32.19
C THR A 165 -1.84 10.11 -32.87
N THR A 166 -2.59 10.53 -33.88
CA THR A 166 -3.57 9.68 -34.55
C THR A 166 -2.86 8.84 -35.61
N PRO A 167 -3.51 7.77 -36.09
CA PRO A 167 -2.83 6.94 -37.12
C PRO A 167 -2.48 7.71 -38.38
N VAL A 168 -3.24 8.76 -38.70
CA VAL A 168 -2.96 9.57 -39.88
C VAL A 168 -1.64 10.31 -39.75
N GLN A 169 -1.08 10.42 -38.54
CA GLN A 169 0.19 11.07 -38.31
C GLN A 169 1.27 10.01 -38.07
N THR A 170 2.53 10.42 -38.20
CA THR A 170 3.61 9.54 -37.82
C THR A 170 3.67 9.43 -36.29
N PRO A 171 4.30 8.38 -35.78
CA PRO A 171 4.46 8.25 -34.33
C PRO A 171 5.22 9.44 -33.76
N PRO A 172 4.90 9.83 -32.54
CA PRO A 172 5.56 11.00 -31.94
C PRO A 172 7.04 10.73 -31.69
N THR A 173 7.77 11.81 -31.51
CA THR A 173 9.16 11.73 -31.07
C THR A 173 9.16 11.89 -29.55
N CYS A 174 9.56 10.86 -28.87
CA CYS A 174 9.53 10.81 -27.42
C CYS A 174 10.94 10.79 -26.86
N PRO A 175 11.21 11.55 -25.80
CA PRO A 175 12.56 11.55 -25.23
C PRO A 175 12.97 10.15 -24.80
N SER A 176 14.28 9.96 -24.64
CA SER A 176 14.74 8.63 -24.26
C SER A 176 14.41 8.37 -22.79
N GLN A 177 14.32 7.09 -22.43
CA GLN A 177 14.05 6.77 -21.03
C GLN A 177 15.22 7.19 -20.16
N VAL A 178 14.91 7.61 -18.93
CA VAL A 178 15.94 7.95 -17.96
C VAL A 178 16.86 6.74 -17.75
N LEU A 179 18.16 7.01 -17.71
CA LEU A 179 19.15 5.95 -17.50
C LEU A 179 18.97 5.26 -16.14
N THR A 180 19.49 4.03 -16.05
CA THR A 180 19.59 3.37 -14.75
C THR A 180 20.46 4.15 -13.80
N LYS A 181 20.35 3.79 -12.51
CA LYS A 181 21.16 4.44 -11.50
C LYS A 181 22.66 4.35 -11.86
N CYS A 182 23.11 3.16 -12.25
CA CYS A 182 24.53 2.96 -12.52
C CYS A 182 24.99 3.76 -13.75
N LEU A 183 24.24 3.65 -14.86
CA LEU A 183 24.57 4.41 -16.06
C LEU A 183 24.47 5.91 -15.83
N LYS A 184 23.46 6.37 -15.08
CA LYS A 184 23.36 7.77 -14.72
C LYS A 184 24.60 8.21 -13.93
N GLU A 185 24.95 7.45 -12.90
CA GLU A 185 26.04 7.88 -12.04
C GLU A 185 27.37 7.75 -12.78
N ARG A 186 27.45 6.81 -13.72
CA ARG A 186 28.60 6.74 -14.61
C ARG A 186 28.71 8.01 -15.44
N GLN A 187 27.62 8.40 -16.11
CA GLN A 187 27.68 9.57 -16.97
C GLN A 187 27.94 10.84 -16.15
N GLU A 188 27.32 10.96 -14.97
CA GLU A 188 27.64 12.07 -14.07
C GLU A 188 29.12 12.08 -13.71
N ALA A 189 29.64 10.96 -13.20
CA ALA A 189 31.04 10.88 -12.80
C ALA A 189 31.97 11.32 -13.92
N LEU A 190 31.68 10.89 -15.15
CA LEU A 190 32.47 11.31 -16.32
C LEU A 190 32.31 12.79 -16.64
N GLY A 191 31.29 13.45 -16.10
CA GLY A 191 31.04 14.85 -16.41
C GLY A 191 30.81 15.06 -17.90
N GLY A 192 31.79 15.66 -18.57
CA GLY A 192 31.77 15.80 -20.02
C GLY A 192 32.93 15.08 -20.71
N ILE A 195 36.62 10.92 -19.58
CA ILE A 195 37.17 10.13 -18.48
C ILE A 195 37.50 11.02 -17.27
N ALA A 196 36.97 10.64 -16.09
CA ALA A 196 37.23 11.38 -14.85
C ALA A 196 38.43 10.75 -14.15
N ILE A 197 39.54 11.46 -14.19
CA ILE A 197 40.82 10.92 -13.76
C ILE A 197 40.91 10.96 -12.23
N GLY A 198 41.40 9.87 -11.65
CA GLY A 198 41.62 9.78 -10.22
C GLY A 198 40.39 9.63 -9.37
N ARG A 199 39.22 9.38 -9.98
CA ARG A 199 37.98 9.23 -9.24
C ARG A 199 37.29 7.92 -9.61
N TYR A 200 36.46 7.46 -8.70
CA TYR A 200 35.73 6.22 -8.92
C TYR A 200 34.73 6.40 -10.06
N ILE A 201 34.72 5.47 -11.01
CA ILE A 201 33.70 5.41 -12.05
C ILE A 201 32.99 4.07 -11.95
N PRO A 202 31.70 4.03 -11.60
CA PRO A 202 31.05 2.72 -11.39
C PRO A 202 31.09 1.89 -12.65
N GLN A 203 31.14 0.58 -12.47
CA GLN A 203 31.13 -0.39 -13.56
C GLN A 203 29.76 -1.07 -13.59
N CYS A 204 29.11 -1.05 -14.76
CA CYS A 204 27.74 -1.52 -14.94
C CYS A 204 27.70 -2.78 -15.81
N ASP A 205 26.67 -3.62 -15.60
CA ASP A 205 26.48 -4.82 -16.42
C ASP A 205 25.60 -4.50 -17.62
N GLU A 206 25.34 -5.51 -18.45
CA GLU A 206 24.61 -5.28 -19.69
C GLU A 206 23.19 -4.76 -19.44
N GLN A 207 22.54 -5.25 -18.39
CA GLN A 207 21.24 -4.74 -17.99
C GLN A 207 21.28 -3.33 -17.43
N GLY A 208 22.46 -2.71 -17.30
CA GLY A 208 22.59 -1.40 -16.69
C GLY A 208 22.51 -1.38 -15.17
N ASN A 209 22.56 -2.53 -14.51
CA ASN A 209 22.72 -2.58 -13.07
C ASN A 209 24.21 -2.66 -12.72
N TYR A 210 24.50 -2.49 -11.43
CA TYR A 210 25.88 -2.51 -10.95
C TYR A 210 26.44 -3.91 -10.97
N ARG A 211 27.63 -4.06 -11.56
CA ARG A 211 28.42 -5.28 -11.41
C ARG A 211 28.64 -5.59 -9.93
N PRO A 212 28.66 -6.87 -9.53
CA PRO A 212 28.82 -7.17 -8.11
C PRO A 212 30.14 -6.67 -7.55
N MET A 213 31.22 -6.81 -8.29
CA MET A 213 32.51 -6.30 -7.84
C MET A 213 32.76 -4.94 -8.47
N GLN A 214 33.16 -3.95 -7.65
CA GLN A 214 33.50 -2.63 -8.11
C GLN A 214 34.93 -2.36 -7.71
N CYS A 215 35.67 -1.64 -8.56
CA CYS A 215 37.05 -1.28 -8.22
C CYS A 215 37.26 0.21 -8.44
N HIS A 216 38.13 0.79 -7.63
CA HIS A 216 38.52 2.19 -7.79
C HIS A 216 39.67 2.21 -8.79
N GLY A 217 39.47 2.85 -9.92
CA GLY A 217 40.45 2.87 -10.98
C GLY A 217 41.76 3.59 -10.67
N SER A 218 41.90 4.23 -9.50
CA SER A 218 43.19 4.84 -9.15
C SER A 218 43.83 4.30 -7.87
N THR A 219 43.05 4.00 -6.83
CA THR A 219 43.66 3.46 -5.62
C THR A 219 43.93 1.96 -5.73
N GLY A 220 43.30 1.27 -6.66
CA GLY A 220 43.37 -0.19 -6.72
C GLY A 220 42.47 -0.95 -5.78
N TYR A 221 41.72 -0.27 -4.92
CA TYR A 221 40.83 -0.95 -3.99
C TYR A 221 39.65 -1.57 -4.74
N CYS A 222 39.12 -2.68 -4.21
CA CYS A 222 37.90 -3.28 -4.74
C CYS A 222 36.96 -3.62 -3.60
N TRP A 223 35.67 -3.77 -3.91
CA TRP A 223 34.66 -4.08 -2.89
C TRP A 223 33.43 -4.61 -3.62
N CYS A 224 32.48 -5.13 -2.85
CA CYS A 224 31.25 -5.63 -3.46
C CYS A 224 30.12 -4.62 -3.26
N VAL A 225 29.14 -4.63 -4.20
CA VAL A 225 27.91 -3.84 -4.08
C VAL A 225 26.73 -4.76 -4.41
N ASN A 226 25.55 -4.39 -3.91
CA ASN A 226 24.35 -5.11 -4.35
C ASN A 226 23.88 -4.51 -5.68
N ALA A 227 22.73 -4.99 -6.16
CA ALA A 227 22.30 -4.66 -7.52
C ALA A 227 21.98 -3.20 -7.72
N ILE A 228 21.63 -2.46 -6.66
CA ILE A 228 21.41 -1.04 -6.76
C ILE A 228 22.64 -0.25 -6.29
N GLY A 229 23.80 -0.87 -6.25
CA GLY A 229 24.99 -0.09 -5.98
C GLY A 229 25.33 0.18 -4.53
N GLU A 230 24.60 -0.38 -3.56
CA GLU A 230 24.98 -0.09 -2.18
C GLU A 230 26.13 -1.01 -1.78
N LYS A 231 27.12 -0.47 -1.07
CA LYS A 231 28.29 -1.24 -0.67
C LYS A 231 27.94 -2.32 0.32
N ILE A 232 28.58 -3.47 0.19
CA ILE A 232 28.46 -4.55 1.15
C ILE A 232 29.55 -4.29 2.16
N GLU A 233 29.19 -4.23 3.43
CA GLU A 233 30.23 -4.00 4.42
C GLU A 233 31.09 -5.26 4.58
N GLY A 234 32.32 -5.06 5.02
CA GLY A 234 33.24 -6.14 5.21
C GLY A 234 33.91 -6.61 3.94
N THR A 235 33.81 -5.85 2.85
CA THR A 235 34.33 -6.33 1.57
C THR A 235 35.39 -5.43 0.98
N ASN A 236 35.71 -4.29 1.59
CA ASN A 236 36.64 -3.37 0.95
C ASN A 236 38.06 -3.94 1.06
N THR A 237 38.79 -3.96 -0.05
CA THR A 237 40.01 -4.74 -0.18
C THR A 237 41.11 -3.90 -0.78
N PRO A 238 42.22 -3.67 -0.10
CA PRO A 238 43.33 -2.91 -0.72
C PRO A 238 43.97 -3.74 -1.80
N PRO A 239 44.68 -3.10 -2.74
CA PRO A 239 45.25 -3.86 -3.84
C PRO A 239 46.35 -4.81 -3.31
N GLY A 240 46.43 -5.97 -3.94
CA GLY A 240 47.33 -7.02 -3.53
C GLY A 240 46.73 -8.02 -2.57
N ASN A 241 45.49 -7.84 -2.15
CA ASN A 241 44.82 -8.76 -1.25
C ASN A 241 43.78 -9.58 -2.00
N THR A 242 43.39 -10.70 -1.40
CA THR A 242 42.26 -11.46 -1.92
C THR A 242 40.95 -10.78 -1.50
N GLN A 243 40.06 -10.54 -2.46
CA GLN A 243 38.74 -9.95 -2.23
C GLN A 243 37.75 -11.04 -1.87
N PRO A 244 36.83 -10.76 -0.94
CA PRO A 244 35.72 -11.68 -0.70
C PRO A 244 34.90 -11.87 -1.96
N THR A 245 34.25 -13.02 -2.03
CA THR A 245 33.37 -13.26 -3.15
C THR A 245 32.16 -12.34 -3.05
N CYS A 246 31.79 -11.77 -4.19
CA CYS A 246 30.64 -10.87 -4.30
C CYS A 246 29.46 -11.63 -4.87
N GLN A 247 28.31 -11.53 -4.20
CA GLN A 247 27.09 -12.20 -4.61
C GLN A 247 26.46 -11.46 -5.78
N SER A 248 25.97 -12.18 -6.79
CA SER A 248 25.26 -11.52 -7.87
C SER A 248 23.74 -11.48 -7.60
N HIS A 249 23.06 -10.57 -8.28
CA HIS A 249 21.61 -10.46 -8.24
C HIS A 249 21.09 -10.29 -6.81
N ASP A 250 21.76 -9.41 -6.05
CA ASP A 250 21.41 -9.14 -4.66
C ASP A 250 20.44 -7.97 -4.65
N TRP A 251 19.14 -8.25 -4.50
CA TRP A 251 18.15 -7.19 -4.42
C TRP A 251 17.56 -7.05 -3.01
N ASP A 252 18.15 -7.69 -2.01
CA ASP A 252 17.62 -7.58 -0.66
C ASP A 252 18.35 -6.43 0.01
N THR A 253 17.74 -5.24 0.00
CA THR A 253 18.45 -4.09 0.53
C THR A 253 17.87 -3.64 1.87
N CYS A 254 17.12 -4.50 2.55
CA CYS A 254 16.72 -4.15 3.92
C CYS A 254 17.95 -4.10 4.80
N HIS A 255 17.91 -3.27 5.83
CA HIS A 255 18.95 -3.25 6.85
C HIS A 255 18.72 -4.40 7.85
N TYR A 256 19.82 -4.90 8.40
CA TYR A 256 19.81 -6.02 9.33
C TYR A 256 20.39 -5.59 10.67
N ALA A 257 19.72 -5.95 11.77
CA ALA A 257 20.33 -5.78 13.08
C ALA A 257 21.41 -6.84 13.28
N VAL A 258 22.57 -6.42 13.80
CA VAL A 258 23.67 -7.34 14.05
C VAL A 258 24.26 -7.10 15.42
N ALA A 259 24.90 -8.16 15.94
CA ALA A 259 25.73 -8.10 17.13
C ALA A 259 27.18 -8.23 16.70
N VAL A 260 28.01 -7.23 17.01
CA VAL A 260 29.41 -7.22 16.57
C VAL A 260 30.32 -7.39 17.79
N VAL A 261 31.38 -8.18 17.62
CA VAL A 261 32.33 -8.53 18.69
C VAL A 261 33.74 -8.47 18.11
N LYS A 262 34.74 -8.50 18.98
CA LYS A 262 36.13 -8.59 18.55
C LYS A 262 36.55 -10.06 18.42
N ASN A 263 37.49 -10.33 17.52
CA ASN A 263 37.92 -11.72 17.36
C ASN A 263 38.80 -12.21 18.52
N SER A 264 39.22 -11.31 19.40
CA SER A 264 40.03 -11.66 20.56
C SER A 264 39.22 -12.22 21.72
N SER A 265 37.89 -12.06 21.71
CA SER A 265 37.03 -12.72 22.68
C SER A 265 36.60 -14.06 22.11
N THR A 266 35.93 -14.89 22.92
CA THR A 266 35.52 -16.21 22.43
C THR A 266 34.13 -16.65 22.88
N PHE A 267 33.38 -15.82 23.58
CA PHE A 267 32.04 -16.24 23.95
C PHE A 267 31.13 -16.28 22.72
N GLN A 268 30.04 -17.02 22.84
CA GLN A 268 28.97 -17.09 21.86
C GLN A 268 27.74 -16.34 22.37
N PHE A 269 26.74 -16.25 21.49
CA PHE A 269 25.54 -15.45 21.76
C PHE A 269 24.81 -15.92 23.01
N GLY A 270 24.69 -17.24 23.18
CA GLY A 270 24.00 -17.83 24.30
C GLY A 270 24.69 -17.66 25.64
N GLN A 271 25.93 -17.16 25.63
CA GLN A 271 26.67 -16.85 26.84
C GLN A 271 26.77 -15.35 27.07
N LEU A 272 25.78 -14.58 26.63
CA LEU A 272 25.84 -13.14 26.83
C LEU A 272 25.57 -12.71 28.28
N LYS A 273 24.87 -13.53 29.06
CA LYS A 273 24.60 -13.18 30.45
C LYS A 273 25.85 -12.69 31.15
N GLY A 274 25.76 -11.49 31.75
CA GLY A 274 26.85 -10.95 32.53
C GLY A 274 27.94 -10.25 31.77
N LYS A 275 27.85 -10.17 30.44
CA LYS A 275 28.86 -9.41 29.71
C LYS A 275 28.56 -7.91 29.76
N ARG A 276 29.52 -7.10 29.33
CA ARG A 276 29.35 -5.68 29.09
C ARG A 276 28.87 -5.43 27.65
N SER A 277 27.89 -4.52 27.47
CA SER A 277 27.32 -4.36 26.13
C SER A 277 27.18 -2.89 25.75
N CYS A 278 27.31 -2.61 24.44
CA CYS A 278 27.11 -1.29 23.85
C CYS A 278 25.91 -1.33 22.92
N HIS A 279 24.95 -0.43 23.14
CA HIS A 279 23.73 -0.41 22.35
C HIS A 279 23.57 0.95 21.68
N SER A 280 23.01 0.95 20.47
CA SER A 280 22.83 2.21 19.78
C SER A 280 21.91 3.12 20.56
N GLY A 281 20.89 2.58 21.22
CA GLY A 281 20.15 3.37 22.19
C GLY A 281 18.90 2.68 22.65
N LEU A 282 18.33 3.13 23.78
CA LEU A 282 17.20 2.44 24.36
C LEU A 282 16.03 2.40 23.41
N SER A 283 15.83 3.45 22.63
CA SER A 283 14.65 3.49 21.79
C SER A 283 14.86 3.01 20.35
N LYS A 284 16.09 2.56 19.99
CA LYS A 284 16.39 2.16 18.62
C LYS A 284 15.99 0.71 18.33
N THR A 285 15.53 0.46 17.11
CA THR A 285 15.11 -0.90 16.81
C THR A 285 16.32 -1.84 16.75
N ASP A 286 17.45 -1.38 16.20
CA ASP A 286 18.64 -2.24 16.12
C ASP A 286 19.39 -2.32 17.44
N GLY A 287 19.28 -1.30 18.29
CA GLY A 287 19.98 -1.38 19.57
C GLY A 287 19.18 -1.98 20.70
N TRP A 288 17.86 -2.19 20.52
CA TRP A 288 17.01 -2.58 21.63
C TRP A 288 15.98 -3.62 21.23
N ASN A 289 15.05 -3.24 20.36
CA ASN A 289 13.95 -4.14 20.03
C ASN A 289 14.47 -5.44 19.44
N ALA A 290 15.40 -5.34 18.47
CA ALA A 290 15.88 -6.56 17.80
C ALA A 290 16.59 -7.50 18.78
N PRO A 291 17.62 -7.07 19.52
CA PRO A 291 18.24 -8.01 20.48
C PRO A 291 17.32 -8.47 21.58
N VAL A 292 16.53 -7.57 22.16
CA VAL A 292 15.64 -8.00 23.24
C VAL A 292 14.68 -9.07 22.73
N ASN A 293 14.19 -8.89 21.51
CA ASN A 293 13.28 -9.85 20.93
C ASN A 293 13.91 -11.23 20.91
N VAL A 294 15.21 -11.29 20.59
CA VAL A 294 15.91 -12.57 20.50
C VAL A 294 16.29 -13.07 21.89
N PHE A 295 16.73 -12.19 22.78
CA PHE A 295 16.97 -12.60 24.17
C PHE A 295 15.74 -13.31 24.74
N VAL A 296 14.55 -12.82 24.39
CA VAL A 296 13.31 -13.34 24.95
C VAL A 296 12.90 -14.62 24.24
N GLU A 297 13.07 -14.68 22.93
CA GLU A 297 12.76 -15.90 22.19
C GLU A 297 13.66 -17.05 22.62
N LYS A 298 14.90 -16.77 22.97
CA LYS A 298 15.85 -17.79 23.38
C LYS A 298 15.80 -18.08 24.88
N LYS A 299 14.89 -17.43 25.58
CA LYS A 299 14.77 -17.54 27.03
C LYS A 299 16.12 -17.31 27.73
N LEU A 300 16.98 -16.48 27.13
CA LEU A 300 18.14 -15.98 27.87
C LEU A 300 17.71 -15.03 28.96
N LEU A 301 16.52 -14.46 28.82
CA LEU A 301 16.01 -13.42 29.68
C LEU A 301 14.85 -14.01 30.46
N PRO A 302 14.90 -14.03 31.78
CA PRO A 302 13.71 -14.39 32.56
C PRO A 302 12.69 -13.26 32.49
N TRP A 303 11.98 -13.20 31.37
CA TRP A 303 10.96 -12.18 31.17
C TRP A 303 10.05 -12.63 30.04
N ASP A 304 8.76 -12.40 30.21
CA ASP A 304 7.83 -12.75 29.14
C ASP A 304 6.64 -11.80 29.08
N GLY A 305 6.17 -11.33 30.25
CA GLY A 305 5.07 -10.40 30.29
C GLY A 305 5.35 -9.28 31.30
N LEU A 306 4.48 -8.26 31.26
CA LEU A 306 4.62 -7.11 32.16
C LEU A 306 4.36 -7.45 33.61
N ALA A 307 3.88 -8.66 33.92
CA ALA A 307 3.81 -9.12 35.31
C ALA A 307 5.19 -9.45 35.87
N LYS A 308 6.18 -9.65 34.99
CA LYS A 308 7.56 -9.94 35.36
C LYS A 308 8.42 -8.66 35.44
N GLY A 309 7.80 -7.49 35.60
CA GLY A 309 8.53 -6.23 35.61
C GLY A 309 8.68 -5.62 34.24
N SER A 310 9.44 -4.52 34.20
CA SER A 310 9.73 -3.88 32.92
C SER A 310 10.86 -4.61 32.20
N ILE A 311 10.83 -4.56 30.87
CA ILE A 311 11.89 -5.18 30.07
C ILE A 311 13.23 -4.55 30.39
N GLU A 312 13.28 -3.22 30.51
CA GLU A 312 14.56 -2.58 30.86
C GLU A 312 15.12 -3.14 32.16
N ARG A 313 14.26 -3.39 33.17
CA ARG A 313 14.76 -3.96 34.42
C ARG A 313 15.32 -5.37 34.21
N ALA A 314 14.59 -6.22 33.47
CA ALA A 314 15.08 -7.57 33.21
C ALA A 314 16.41 -7.54 32.45
N VAL A 315 16.54 -6.62 31.50
CA VAL A 315 17.82 -6.47 30.79
C VAL A 315 18.87 -5.95 31.74
N SER A 316 18.46 -5.12 32.71
CA SER A 316 19.40 -4.63 33.70
C SER A 316 19.97 -5.78 34.53
N LYS A 317 19.19 -6.82 34.74
CA LYS A 317 19.70 -7.99 35.47
C LYS A 317 20.56 -8.90 34.61
N PHE A 318 20.49 -8.77 33.28
CA PHE A 318 21.18 -9.67 32.36
C PHE A 318 22.64 -9.28 32.15
N PHE A 319 22.89 -8.04 31.73
CA PHE A 319 24.24 -7.57 31.55
C PHE A 319 24.77 -7.05 32.87
N SER A 320 26.11 -6.99 32.97
CA SER A 320 26.72 -6.45 34.17
C SER A 320 26.77 -4.93 34.12
N ALA A 321 27.32 -4.38 33.04
CA ALA A 321 27.36 -2.95 32.80
C ALA A 321 27.18 -2.73 31.30
N SER A 322 26.53 -1.62 30.92
CA SER A 322 26.30 -1.36 29.51
C SER A 322 26.25 0.13 29.28
N CYS A 323 26.26 0.50 27.99
CA CYS A 323 25.89 1.86 27.58
C CYS A 323 24.65 1.75 26.69
N ILE A 324 23.52 2.23 27.20
CA ILE A 324 22.29 2.16 26.41
C ILE A 324 21.60 3.52 26.44
N PRO A 325 21.98 4.43 25.54
CA PRO A 325 21.53 5.81 25.68
C PRO A 325 20.03 5.95 25.79
N GLY A 326 19.61 6.74 26.79
CA GLY A 326 18.21 6.91 27.12
C GLY A 326 17.70 6.00 28.21
N ALA A 327 18.53 5.08 28.72
CA ALA A 327 18.09 4.20 29.80
C ALA A 327 18.05 4.96 31.12
N THR A 328 17.45 4.35 32.11
CA THR A 328 17.43 4.89 33.46
C THR A 328 18.15 4.02 34.47
N GLU A 329 18.08 2.70 34.33
CA GLU A 329 18.82 1.81 35.22
C GLU A 329 20.31 2.17 35.22
N THR A 330 20.90 2.16 36.42
CA THR A 330 22.25 2.72 36.58
C THR A 330 23.30 1.91 35.83
N ASN A 331 23.26 0.58 35.96
CA ASN A 331 24.28 -0.22 35.30
C ASN A 331 24.16 -0.11 33.78
N LEU A 332 22.96 0.16 33.27
CA LEU A 332 22.75 0.32 31.84
C LEU A 332 23.26 1.64 31.30
N CYS A 333 23.75 2.55 32.17
CA CYS A 333 24.44 3.77 31.73
C CYS A 333 25.89 3.82 32.15
N LYS A 334 26.37 2.82 32.89
CA LYS A 334 27.69 2.87 33.50
C LYS A 334 28.77 3.02 32.45
N GLN A 335 28.60 2.39 31.29
CA GLN A 335 29.67 2.38 30.30
C GLN A 335 29.68 3.61 29.40
N CYS A 336 28.63 4.44 29.40
CA CYS A 336 28.63 5.64 28.58
C CYS A 336 29.72 6.62 29.06
N ILE A 337 30.12 7.56 28.19
CA ILE A 337 31.22 8.45 28.55
C ILE A 337 30.86 9.92 28.32
N GLY A 338 29.57 10.22 28.22
CA GLY A 338 29.16 11.61 28.10
C GLY A 338 29.48 12.41 29.36
N GLU A 339 29.85 13.67 29.15
CA GLU A 339 30.30 14.55 30.23
C GLU A 339 29.08 15.15 30.93
N GLU A 340 28.93 14.85 32.22
CA GLU A 340 27.95 15.50 33.11
C GLU A 340 26.54 15.16 32.62
N GLU A 341 25.66 16.13 32.43
CA GLU A 341 24.27 15.83 32.08
C GLU A 341 24.13 15.16 30.71
N LYS A 342 25.16 15.25 29.85
CA LYS A 342 25.14 14.61 28.53
C LYS A 342 25.26 13.09 28.62
N LYS A 343 25.74 12.55 29.74
CA LYS A 343 25.99 11.12 29.86
C LYS A 343 24.71 10.31 29.67
N CYS A 344 24.78 9.30 28.79
CA CYS A 344 23.68 8.38 28.55
C CYS A 344 22.46 9.06 27.90
N LYS A 345 22.65 10.22 27.27
CA LYS A 345 21.57 10.90 26.59
C LYS A 345 21.38 10.37 25.16
N SER A 346 20.12 10.26 24.76
CA SER A 346 19.81 9.96 23.38
C SER A 346 20.24 11.13 22.51
N SER A 347 21.54 11.36 22.42
CA SER A 347 22.06 12.51 21.70
C SER A 347 23.53 12.30 21.39
N HIS A 348 23.98 12.86 20.27
CA HIS A 348 25.39 12.75 19.89
C HIS A 348 26.33 13.36 20.90
N ASP A 349 25.84 14.22 21.78
CA ASP A 349 26.74 14.72 22.80
C ASP A 349 27.17 13.62 23.75
N GLU A 350 26.47 12.47 23.76
CA GLU A 350 26.98 11.25 24.35
C GLU A 350 27.85 10.53 23.30
N PRO A 351 29.17 10.45 23.46
CA PRO A 351 29.99 9.90 22.37
C PRO A 351 29.65 8.46 21.95
N TYR A 352 28.99 7.66 22.81
CA TYR A 352 28.64 6.27 22.45
C TYR A 352 27.19 6.13 21.97
N TYR A 353 26.50 7.23 21.67
CA TYR A 353 25.12 7.20 21.19
C TYR A 353 25.07 6.77 19.72
N GLY A 354 24.04 5.97 19.37
CA GLY A 354 23.80 5.62 17.96
C GLY A 354 24.71 4.50 17.45
N ASP A 355 24.52 4.14 16.18
CA ASP A 355 25.22 2.98 15.62
C ASP A 355 26.72 3.14 15.70
N HIS A 356 27.24 4.28 15.25
N HIS A 356 27.24 4.25 15.19
CA HIS A 356 28.68 4.50 15.30
CA HIS A 356 28.67 4.50 15.31
C HIS A 356 29.18 4.84 16.70
C HIS A 356 29.09 4.56 16.77
N GLY A 357 28.27 5.21 17.60
CA GLY A 357 28.65 5.36 18.99
C GLY A 357 28.83 4.00 19.64
N ALA A 358 27.88 3.10 19.39
CA ALA A 358 28.00 1.78 19.99
C ALA A 358 29.22 1.04 19.46
N PHE A 359 29.52 1.19 18.16
CA PHE A 359 30.73 0.55 17.62
C PHE A 359 31.99 1.12 18.27
N ARG A 360 32.03 2.44 18.46
CA ARG A 360 33.15 3.07 19.15
C ARG A 360 33.29 2.53 20.57
N CYS A 361 32.15 2.26 21.22
CA CYS A 361 32.18 1.72 22.57
C CYS A 361 32.86 0.35 22.61
N LEU A 362 32.60 -0.48 21.61
CA LEU A 362 33.31 -1.76 21.49
C LEU A 362 34.78 -1.54 21.17
N GLN A 363 35.04 -0.69 20.18
CA GLN A 363 36.41 -0.38 19.77
C GLN A 363 37.30 -0.03 20.95
N GLU A 364 36.82 0.84 21.84
CA GLU A 364 37.57 1.30 23.01
C GLU A 364 37.43 0.40 24.22
N ASP A 365 36.77 -0.75 24.06
CA ASP A 365 36.70 -1.84 25.04
C ASP A 365 35.87 -1.49 26.27
N LYS A 366 34.95 -0.54 26.15
CA LYS A 366 33.94 -0.36 27.17
C LYS A 366 32.84 -1.41 27.08
N GLY A 367 32.80 -2.22 26.04
CA GLY A 367 31.81 -3.26 25.93
C GLY A 367 32.45 -4.50 25.33
N ASP A 368 31.81 -5.64 25.57
CA ASP A 368 32.22 -6.86 24.88
C ASP A 368 31.46 -7.13 23.58
N VAL A 369 30.31 -6.50 23.37
CA VAL A 369 29.50 -6.72 22.19
C VAL A 369 28.77 -5.41 21.92
N ALA A 370 28.54 -5.10 20.64
CA ALA A 370 27.78 -3.91 20.26
C ALA A 370 26.58 -4.31 19.42
N PHE A 371 25.45 -3.64 19.68
CA PHE A 371 24.19 -3.91 18.98
C PHE A 371 23.89 -2.73 18.09
N LEU A 372 23.97 -2.96 16.78
CA LEU A 372 23.78 -1.91 15.80
C LEU A 372 23.28 -2.59 14.52
N LYS A 373 23.48 -1.95 13.37
CA LYS A 373 22.98 -2.55 12.14
C LYS A 373 24.08 -2.60 11.08
N ASN A 374 23.86 -3.42 10.05
CA ASN A 374 24.94 -3.73 9.11
C ASN A 374 25.56 -2.46 8.48
N THR A 375 24.77 -1.40 8.30
CA THR A 375 25.28 -0.22 7.61
C THR A 375 26.30 0.54 8.45
N ALA A 376 26.50 0.18 9.69
CA ALA A 376 27.51 0.84 10.51
C ALA A 376 28.74 -0.05 10.71
N LEU A 377 28.76 -1.26 10.13
CA LEU A 377 29.93 -2.14 10.22
C LEU A 377 31.10 -1.56 9.42
N PRO A 378 32.33 -1.91 9.78
CA PRO A 378 33.48 -1.45 8.97
C PRO A 378 33.38 -1.89 7.51
N ASP A 379 33.90 -1.05 6.62
CA ASP A 379 33.95 -1.40 5.21
C ASP A 379 35.04 -2.43 4.89
N GLU A 380 36.14 -2.42 5.64
CA GLU A 380 37.31 -3.27 5.33
C GLU A 380 37.11 -4.71 5.71
N HIS A 381 37.58 -5.62 4.87
N HIS A 381 37.66 -5.61 4.90
CA HIS A 381 37.36 -7.04 5.07
CA HIS A 381 37.40 -7.05 4.96
C HIS A 381 38.09 -7.53 6.31
C HIS A 381 38.28 -7.76 5.97
N SER A 382 39.33 -7.11 6.45
CA SER A 382 40.27 -7.69 7.39
C SER A 382 40.34 -6.77 8.59
N GLY A 383 40.62 -7.33 9.74
CA GLY A 383 40.53 -6.58 10.96
C GLY A 383 40.00 -7.46 12.10
N VAL A 384 39.77 -6.81 13.23
CA VAL A 384 39.57 -7.51 14.47
C VAL A 384 38.10 -7.74 14.79
N TYR A 385 37.19 -7.46 13.87
CA TYR A 385 35.76 -7.53 14.17
C TYR A 385 35.06 -8.65 13.41
N GLU A 386 34.05 -9.22 14.03
CA GLU A 386 33.24 -10.26 13.39
C GLU A 386 31.86 -10.20 14.02
N LEU A 387 30.98 -11.07 13.57
CA LEU A 387 29.58 -11.02 13.96
C LEU A 387 29.27 -12.18 14.88
N LEU A 388 28.45 -11.92 15.87
CA LEU A 388 28.00 -12.92 16.83
C LEU A 388 26.62 -13.41 16.42
N CYS A 389 26.53 -14.67 15.94
CA CYS A 389 25.22 -15.08 15.43
C CYS A 389 24.35 -15.69 16.52
N PRO A 390 23.04 -15.51 16.45
CA PRO A 390 22.14 -16.07 17.48
C PRO A 390 22.14 -17.59 17.53
N ASP A 391 22.73 -18.28 16.55
CA ASP A 391 22.80 -19.74 16.60
C ASP A 391 24.06 -20.22 17.29
N ASN A 392 24.72 -19.33 18.04
CA ASN A 392 25.92 -19.64 18.80
C ASN A 392 27.13 -19.93 17.92
N THR A 393 27.21 -19.32 16.74
CA THR A 393 28.45 -19.28 15.97
C THR A 393 28.89 -17.84 15.73
N ARG A 394 30.08 -17.68 15.13
CA ARG A 394 30.60 -16.37 14.74
C ARG A 394 30.92 -16.40 13.26
N LYS A 395 30.71 -15.28 12.57
CA LYS A 395 30.88 -15.21 11.12
C LYS A 395 31.47 -13.86 10.73
N PRO A 396 32.04 -13.78 9.53
CA PRO A 396 32.68 -12.52 9.11
C PRO A 396 31.67 -11.41 8.87
N LEU A 397 32.20 -10.18 8.91
CA LEU A 397 31.39 -8.97 8.75
C LEU A 397 30.51 -9.04 7.52
N ASN A 398 30.97 -9.65 6.42
CA ASN A 398 30.17 -9.57 5.22
C ASN A 398 29.10 -10.63 5.16
N LYS A 399 28.97 -11.44 6.21
CA LYS A 399 27.92 -12.46 6.24
C LYS A 399 26.73 -12.06 7.12
N TYR A 400 26.46 -10.76 7.28
CA TYR A 400 25.35 -10.37 8.16
C TYR A 400 24.01 -10.93 7.66
N LYS A 401 23.80 -11.07 6.37
CA LYS A 401 22.54 -11.66 5.91
C LYS A 401 22.33 -13.07 6.45
N GLU A 402 23.37 -13.76 6.88
CA GLU A 402 23.14 -15.06 7.46
C GLU A 402 23.54 -15.10 8.95
N CYS A 403 23.79 -13.94 9.54
CA CYS A 403 24.26 -13.83 10.91
C CYS A 403 23.69 -12.54 11.51
N ASN A 404 22.40 -12.54 11.87
CA ASN A 404 21.76 -11.29 12.24
C ASN A 404 20.67 -11.54 13.28
N LEU A 405 20.16 -10.43 13.83
CA LEU A 405 19.07 -10.42 14.80
C LEU A 405 17.79 -9.91 14.19
N GLY A 406 17.66 -10.00 12.86
CA GLY A 406 16.44 -9.68 12.14
C GLY A 406 16.63 -8.55 11.16
N LYS A 407 15.85 -8.52 10.10
CA LYS A 407 15.67 -7.29 9.33
C LYS A 407 15.02 -6.25 10.22
N VAL A 408 15.37 -4.99 10.03
CA VAL A 408 14.67 -3.92 10.79
C VAL A 408 14.01 -2.96 9.82
N PRO A 409 12.97 -2.22 10.23
CA PRO A 409 12.34 -1.27 9.32
C PRO A 409 13.25 -0.16 8.88
N ALA A 410 12.82 0.51 7.82
CA ALA A 410 13.46 1.74 7.39
C ALA A 410 13.29 2.82 8.47
N ASP A 411 14.18 3.81 8.45
CA ASP A 411 14.04 4.98 9.30
C ASP A 411 13.46 6.11 8.46
N ALA A 412 12.98 7.18 9.10
CA ALA A 412 12.16 8.11 8.35
C ALA A 412 12.25 9.53 8.91
N VAL A 413 12.03 10.51 8.03
CA VAL A 413 11.79 11.88 8.46
C VAL A 413 10.33 11.96 8.89
N VAL A 414 10.06 12.63 10.01
CA VAL A 414 8.73 12.70 10.62
C VAL A 414 8.34 14.18 10.74
N THR A 415 7.03 14.41 10.77
CA THR A 415 6.49 15.72 11.12
C THR A 415 5.15 15.50 11.82
N ARG A 416 4.43 16.59 12.10
CA ARG A 416 3.13 16.48 12.76
C ARG A 416 2.14 15.70 11.89
N LYS A 417 1.28 14.91 12.54
CA LYS A 417 0.23 14.22 11.81
C LYS A 417 -0.61 15.17 10.98
N ALA A 418 -0.74 16.42 11.41
CA ALA A 418 -1.53 17.39 10.65
C ALA A 418 -0.92 17.67 9.28
N GLY A 419 0.40 17.57 9.15
CA GLY A 419 0.98 17.66 7.83
C GLY A 419 1.07 19.05 7.23
N ASP A 420 0.98 20.10 8.07
CA ASP A 420 1.04 21.47 7.57
C ASP A 420 2.36 21.82 6.91
N LYS A 421 3.45 21.12 7.25
CA LYS A 421 4.74 21.43 6.65
C LYS A 421 5.26 20.33 5.72
N THR A 422 4.48 19.26 5.48
CA THR A 422 4.95 18.15 4.65
C THR A 422 5.46 18.61 3.29
N LYS A 423 4.69 19.47 2.61
CA LYS A 423 5.10 19.91 1.29
C LYS A 423 6.40 20.70 1.34
N ASP A 424 6.56 21.57 2.32
CA ASP A 424 7.78 22.35 2.36
C ASP A 424 8.98 21.47 2.67
N ILE A 425 8.80 20.43 3.49
CA ILE A 425 9.92 19.56 3.84
C ILE A 425 10.31 18.73 2.63
N ASN A 426 9.32 18.17 1.94
CA ASN A 426 9.60 17.38 0.74
C ASN A 426 10.26 18.25 -0.33
N ASP A 427 9.69 19.43 -0.59
CA ASP A 427 10.28 20.31 -1.60
C ASP A 427 11.73 20.62 -1.26
N PHE A 428 12.00 20.98 -0.01
CA PHE A 428 13.36 21.34 0.34
C PHE A 428 14.30 20.16 0.13
N LEU A 429 13.90 18.96 0.61
CA LEU A 429 14.84 17.84 0.53
C LEU A 429 15.01 17.36 -0.90
N LEU A 430 13.94 17.38 -1.70
CA LEU A 430 14.07 17.01 -3.11
C LEU A 430 15.03 17.97 -3.83
N GLU A 431 14.91 19.27 -3.56
CA GLU A 431 15.74 20.25 -4.23
C GLU A 431 17.16 20.26 -3.70
N ALA A 432 17.31 20.08 -2.39
CA ALA A 432 18.66 19.94 -1.85
C ALA A 432 19.37 18.73 -2.47
N GLN A 433 18.63 17.64 -2.70
CA GLN A 433 19.27 16.46 -3.28
C GLN A 433 19.61 16.67 -4.75
N LYS A 434 18.74 17.35 -5.50
CA LYS A 434 19.04 17.71 -6.88
C LYS A 434 20.35 18.50 -6.95
N LYS A 435 20.49 19.51 -6.09
CA LYS A 435 21.69 20.36 -6.07
C LYS A 435 22.89 19.65 -5.46
N LYS A 436 22.71 18.44 -4.96
CA LYS A 436 23.77 17.65 -4.36
C LYS A 436 24.36 18.32 -3.11
N CYS A 437 23.49 18.89 -2.27
CA CYS A 437 23.96 19.46 -1.00
C CYS A 437 24.52 18.36 -0.10
N LYS A 438 25.32 18.77 0.89
CA LYS A 438 26.03 17.82 1.73
C LYS A 438 25.12 17.34 2.87
N LEU A 439 24.02 16.69 2.49
CA LEU A 439 23.09 16.20 3.49
C LEU A 439 23.67 15.02 4.28
N PHE A 440 24.45 14.15 3.64
CA PHE A 440 24.70 12.81 4.16
C PHE A 440 26.13 12.54 4.60
N GLY A 441 26.88 13.57 4.94
CA GLY A 441 28.13 13.35 5.66
C GLY A 441 28.48 14.67 6.31
N SER A 442 29.50 14.64 7.17
CA SER A 442 29.97 15.87 7.79
C SER A 442 31.36 15.67 8.39
N PRO A 443 32.20 16.70 8.38
CA PRO A 443 33.44 16.65 9.16
C PRO A 443 33.22 16.56 10.65
N HIS A 444 32.06 17.01 11.14
CA HIS A 444 31.86 17.09 12.58
C HIS A 444 31.57 15.75 13.21
N GLY A 445 31.20 14.75 12.42
CA GLY A 445 30.89 13.45 12.97
C GLY A 445 30.01 12.66 12.02
N LYS A 446 29.65 11.45 12.48
CA LYS A 446 28.90 10.51 11.66
C LYS A 446 27.43 10.44 12.07
N ASP A 447 26.58 10.21 11.07
CA ASP A 447 25.13 10.05 11.25
C ASP A 447 24.50 11.30 11.88
N LEU A 448 25.00 12.47 11.50
CA LEU A 448 24.40 13.72 11.96
C LEU A 448 23.29 14.13 11.02
N MET A 449 22.12 14.46 11.60
CA MET A 449 20.90 14.76 10.88
C MET A 449 20.32 13.58 10.15
N PHE A 450 21.13 12.89 9.35
CA PHE A 450 20.72 11.71 8.63
C PHE A 450 21.79 10.63 8.74
N ASP A 451 21.38 9.39 8.53
CA ASP A 451 22.35 8.29 8.48
C ASP A 451 23.36 8.54 7.35
N ASP A 452 24.65 8.41 7.67
CA ASP A 452 25.68 8.65 6.66
C ASP A 452 25.55 7.67 5.49
N SER A 453 24.99 6.49 5.72
CA SER A 453 24.78 5.51 4.67
C SER A 453 23.64 5.87 3.72
N THR A 454 22.81 6.85 4.07
CA THR A 454 21.70 7.25 3.20
C THR A 454 22.22 7.75 1.84
N THR A 455 21.50 7.41 0.76
CA THR A 455 21.81 7.92 -0.58
C THR A 455 20.71 8.77 -1.16
N HIS A 456 19.45 8.40 -0.96
CA HIS A 456 18.35 9.20 -1.46
C HIS A 456 17.19 9.13 -0.47
N LEU A 457 16.47 10.24 -0.32
CA LEU A 457 15.26 10.30 0.49
C LEU A 457 14.12 10.68 -0.41
N ALA A 458 13.10 9.85 -0.45
CA ALA A 458 11.95 10.00 -1.30
C ALA A 458 10.69 10.15 -0.45
N PRO A 459 9.67 10.83 -0.98
CA PRO A 459 8.42 10.97 -0.23
C PRO A 459 7.69 9.64 -0.08
N LEU A 460 7.05 9.45 1.10
CA LEU A 460 6.28 8.24 1.37
C LEU A 460 4.86 8.42 0.85
N PRO A 461 4.09 7.34 0.68
CA PRO A 461 2.69 7.49 0.28
C PRO A 461 1.98 8.47 1.20
N SER A 462 1.00 9.22 0.67
CA SER A 462 0.48 10.36 1.42
C SER A 462 -0.35 9.92 2.62
N GLU A 463 -0.96 8.74 2.59
CA GLU A 463 -1.75 8.22 3.70
C GLU A 463 -0.95 7.31 4.62
N ILE A 464 0.37 7.30 4.49
CA ILE A 464 1.14 6.38 5.30
C ILE A 464 1.10 6.85 6.76
N ASP A 465 1.13 5.91 7.68
CA ASP A 465 1.33 6.21 9.09
C ASP A 465 2.33 5.17 9.61
N ALA A 466 2.59 5.16 10.92
CA ALA A 466 3.60 4.24 11.44
C ALA A 466 3.19 2.79 11.25
N PHE A 467 1.90 2.47 11.39
CA PHE A 467 1.49 1.08 11.18
C PHE A 467 1.83 0.59 9.77
N PHE A 468 1.47 1.35 8.73
CA PHE A 468 1.71 0.92 7.36
C PHE A 468 3.18 1.05 6.95
N PHE A 469 3.91 2.01 7.54
CA PHE A 469 5.34 2.16 7.26
C PHE A 469 6.15 1.03 7.89
N LEU A 470 5.90 0.70 9.16
CA LEU A 470 6.66 -0.35 9.84
C LEU A 470 6.19 -1.73 9.48
N GLY A 471 4.93 -1.87 9.13
CA GLY A 471 4.31 -3.16 8.89
C GLY A 471 3.77 -3.75 10.15
N VAL A 472 2.70 -4.56 10.01
CA VAL A 472 2.00 -5.09 11.18
C VAL A 472 2.94 -5.89 12.05
N LYS A 473 3.88 -6.66 11.45
CA LYS A 473 4.74 -7.50 12.27
C LYS A 473 5.66 -6.68 13.17
N TRP A 474 6.37 -5.68 12.63
CA TRP A 474 7.26 -4.90 13.49
C TRP A 474 6.48 -3.96 14.43
N TYR A 475 5.36 -3.43 13.98
CA TYR A 475 4.51 -2.60 14.84
C TYR A 475 4.09 -3.39 16.07
N ASN A 476 3.50 -4.57 15.87
CA ASN A 476 3.09 -5.41 17.00
C ASN A 476 4.27 -5.79 17.88
N ALA A 477 5.40 -6.09 17.25
CA ALA A 477 6.58 -6.47 18.02
C ALA A 477 7.02 -5.34 18.94
N MET A 478 7.07 -4.10 18.44
CA MET A 478 7.46 -3.05 19.38
C MET A 478 6.36 -2.73 20.40
N LYS A 479 5.08 -2.81 20.03
CA LYS A 479 4.02 -2.71 21.03
C LYS A 479 4.20 -3.77 22.12
N ALA A 480 4.57 -4.99 21.73
CA ALA A 480 4.64 -6.10 22.66
C ALA A 480 5.65 -5.86 23.79
N LEU A 481 6.70 -5.08 23.53
CA LEU A 481 7.68 -4.77 24.57
C LEU A 481 7.22 -3.68 25.55
N THR A 482 6.07 -3.07 25.32
CA THR A 482 5.58 -1.97 26.15
C THR A 482 4.30 -2.29 26.90
N GLU A 483 3.54 -3.32 26.51
CA GLU A 483 2.31 -3.65 27.18
C GLU A 483 1.96 -5.10 26.86
N ASP A 484 1.07 -5.66 27.67
CA ASP A 484 0.54 -7.00 27.43
C ASP A 484 -0.60 -6.87 26.43
N VAL A 485 -0.40 -7.38 25.22
CA VAL A 485 -1.38 -7.23 24.15
C VAL A 485 -2.30 -8.44 24.18
N LYS A 486 -3.45 -8.29 24.83
CA LYS A 486 -4.45 -9.35 24.88
C LYS A 486 -5.05 -9.54 23.51
N LEU A 487 -4.77 -10.68 22.88
CA LEU A 487 -5.28 -10.94 21.54
C LEU A 487 -6.75 -11.32 21.59
N PRO A 488 -7.63 -10.59 20.90
CA PRO A 488 -9.06 -10.91 20.94
C PRO A 488 -9.36 -12.34 20.48
N SER A 489 -10.51 -12.84 20.91
CA SER A 489 -10.82 -14.25 20.75
C SER A 489 -11.13 -14.60 19.30
N LYS A 490 -10.62 -15.73 18.85
CA LYS A 490 -10.95 -16.27 17.54
C LYS A 490 -12.40 -16.78 17.50
N ASN A 491 -13.12 -16.73 18.62
CA ASN A 491 -14.51 -17.16 18.65
C ASN A 491 -15.51 -16.00 18.63
N LYS A 492 -15.01 -14.77 18.56
CA LYS A 492 -15.81 -13.56 18.47
C LYS A 492 -15.51 -12.86 17.15
N VAL A 493 -16.55 -12.36 16.48
CA VAL A 493 -16.38 -11.51 15.29
C VAL A 493 -16.75 -10.10 15.68
N ARG A 494 -15.77 -9.20 15.68
CA ARG A 494 -16.05 -7.78 15.88
C ARG A 494 -16.49 -7.16 14.56
N TRP A 495 -17.78 -6.86 14.45
CA TRP A 495 -18.33 -6.32 13.21
C TRP A 495 -18.18 -4.81 13.17
N CYS A 496 -17.81 -4.28 12.01
CA CYS A 496 -17.54 -2.85 11.86
C CYS A 496 -18.74 -2.17 11.22
N THR A 497 -19.22 -1.11 11.86
CA THR A 497 -20.45 -0.46 11.42
C THR A 497 -20.12 0.95 10.95
N ILE A 498 -20.89 1.44 9.99
CA ILE A 498 -20.57 2.73 9.36
C ILE A 498 -21.57 3.84 9.69
N ASN A 499 -22.63 3.57 10.44
CA ASN A 499 -23.52 4.61 10.93
C ASN A 499 -24.16 4.16 12.24
N LYS A 500 -24.87 5.06 12.86
CA LYS A 500 -25.43 4.81 14.19
C LYS A 500 -26.55 3.76 14.12
N PRO A 501 -27.45 3.79 13.14
CA PRO A 501 -28.43 2.70 13.08
C PRO A 501 -27.79 1.34 12.94
N GLU A 502 -26.68 1.26 12.19
CA GLU A 502 -26.00 -0.03 12.04
C GLU A 502 -25.44 -0.47 13.38
N MET A 503 -24.84 0.46 14.12
CA MET A 503 -24.33 0.14 15.43
C MET A 503 -25.45 -0.40 16.32
N MET A 504 -26.64 0.23 16.27
CA MET A 504 -27.72 -0.23 17.14
C MET A 504 -28.20 -1.62 16.73
N LYS A 505 -28.33 -1.88 15.42
CA LYS A 505 -28.69 -3.25 15.03
C LYS A 505 -27.60 -4.21 15.44
N CYS A 506 -26.34 -3.75 15.42
CA CYS A 506 -25.26 -4.67 15.77
C CYS A 506 -25.24 -4.96 17.27
N LYS A 507 -25.62 -3.99 18.10
CA LYS A 507 -25.71 -4.25 19.54
C LYS A 507 -26.87 -5.19 19.87
N ASP A 508 -27.95 -5.16 19.09
CA ASP A 508 -29.03 -6.11 19.29
C ASP A 508 -28.60 -7.52 18.90
N TRP A 509 -27.80 -7.64 17.83
CA TRP A 509 -27.21 -8.92 17.45
C TRP A 509 -26.31 -9.45 18.56
N ALA A 510 -25.45 -8.58 19.10
CA ALA A 510 -24.54 -9.00 20.16
C ALA A 510 -25.29 -9.50 21.38
N ALA A 511 -26.46 -8.91 21.68
CA ALA A 511 -27.20 -9.28 22.87
C ALA A 511 -27.77 -10.69 22.77
N VAL A 512 -28.11 -11.16 21.57
CA VAL A 512 -28.58 -12.54 21.39
C VAL A 512 -27.47 -13.49 20.98
N SER A 513 -26.27 -12.98 20.74
CA SER A 513 -25.27 -13.82 20.08
C SER A 513 -24.54 -14.71 21.07
N GLY A 514 -24.73 -14.46 22.35
CA GLY A 514 -23.95 -15.19 23.34
C GLY A 514 -22.46 -14.95 23.23
N GLY A 515 -22.06 -13.72 22.88
CA GLY A 515 -20.65 -13.34 22.79
C GLY A 515 -19.98 -13.53 21.45
N ALA A 516 -20.61 -14.27 20.52
CA ALA A 516 -20.04 -14.47 19.19
C ALA A 516 -19.95 -13.19 18.38
N ILE A 517 -20.78 -12.19 18.64
CA ILE A 517 -20.77 -10.96 17.86
C ILE A 517 -20.50 -9.80 18.80
N ALA A 518 -19.57 -8.92 18.41
CA ALA A 518 -19.41 -7.60 19.02
C ALA A 518 -19.39 -6.56 17.90
N CYS A 519 -19.29 -5.28 18.28
CA CYS A 519 -19.45 -4.19 17.31
C CYS A 519 -18.35 -3.15 17.47
N THR A 520 -17.94 -2.57 16.34
CA THR A 520 -17.07 -1.40 16.35
C THR A 520 -17.70 -0.34 15.46
N GLU A 521 -17.26 0.90 15.61
CA GLU A 521 -17.87 1.99 14.88
C GLU A 521 -16.81 2.74 14.08
N ALA A 522 -17.10 2.99 12.80
CA ALA A 522 -16.27 3.81 11.93
C ALA A 522 -17.18 4.69 11.10
N SER A 523 -16.60 5.60 10.31
CA SER A 523 -17.42 6.56 9.57
C SER A 523 -17.72 6.17 8.13
N CYS A 524 -17.05 5.16 7.59
CA CYS A 524 -17.21 4.79 6.19
C CYS A 524 -16.54 3.46 5.95
N PRO A 525 -16.85 2.80 4.85
CA PRO A 525 -16.30 1.46 4.61
C PRO A 525 -14.79 1.41 4.59
N GLU A 526 -14.13 2.44 4.03
CA GLU A 526 -12.67 2.42 3.98
C GLU A 526 -12.07 2.47 5.39
N HIS A 527 -12.72 3.18 6.32
CA HIS A 527 -12.20 3.16 7.69
C HIS A 527 -12.43 1.79 8.35
N CYS A 528 -13.48 1.08 7.94
CA CYS A 528 -13.62 -0.29 8.43
C CYS A 528 -12.51 -1.18 7.89
N VAL A 529 -12.11 -0.97 6.63
CA VAL A 529 -11.02 -1.77 6.08
C VAL A 529 -9.76 -1.53 6.89
N LYS A 530 -9.47 -0.26 7.19
CA LYS A 530 -8.35 0.06 8.05
C LYS A 530 -8.43 -0.61 9.42
N GLN A 531 -9.63 -0.67 10.02
CA GLN A 531 -9.69 -1.25 11.35
C GLN A 531 -9.40 -2.73 11.28
N ILE A 532 -9.95 -3.40 10.26
CA ILE A 532 -9.71 -4.82 10.09
C ILE A 532 -8.21 -5.08 9.91
N LEU A 533 -7.55 -4.28 9.05
CA LEU A 533 -6.09 -4.43 8.86
C LEU A 533 -5.35 -4.29 10.17
N LYS A 534 -5.71 -3.30 10.98
CA LYS A 534 -4.97 -3.04 12.21
C LYS A 534 -5.43 -3.89 13.40
N GLY A 535 -6.34 -4.84 13.23
CA GLY A 535 -6.73 -5.71 14.32
C GLY A 535 -7.72 -5.11 15.29
N GLU A 536 -8.42 -4.04 14.90
CA GLU A 536 -9.44 -3.45 15.74
C GLU A 536 -10.84 -3.94 15.40
N ALA A 537 -11.03 -4.61 14.26
CA ALA A 537 -12.30 -5.22 13.90
C ALA A 537 -12.01 -6.46 13.09
N ASP A 538 -13.05 -7.25 12.80
CA ASP A 538 -12.85 -8.52 12.10
C ASP A 538 -13.63 -8.67 10.81
N ALA A 539 -14.65 -7.88 10.56
CA ALA A 539 -15.43 -8.16 9.36
C ALA A 539 -16.27 -6.95 9.02
N VAL A 540 -16.63 -6.87 7.74
CA VAL A 540 -17.49 -5.80 7.26
C VAL A 540 -18.03 -6.25 5.92
N THR A 541 -19.24 -5.79 5.60
CA THR A 541 -19.82 -6.01 4.28
C THR A 541 -19.45 -4.84 3.39
N LEU A 542 -18.98 -5.14 2.18
CA LEU A 542 -18.48 -4.13 1.25
C LEU A 542 -19.27 -4.14 -0.05
N ASP A 543 -19.67 -2.97 -0.52
CA ASP A 543 -20.16 -2.82 -1.88
C ASP A 543 -19.03 -3.13 -2.89
N VAL A 544 -19.42 -3.55 -4.10
CA VAL A 544 -18.45 -3.88 -5.15
C VAL A 544 -17.41 -2.79 -5.30
N GLN A 545 -17.81 -1.53 -5.18
CA GLN A 545 -16.92 -0.40 -5.45
C GLN A 545 -15.82 -0.23 -4.41
N TYR A 546 -15.80 -1.00 -3.34
CA TYR A 546 -14.70 -0.94 -2.38
C TYR A 546 -13.84 -2.18 -2.42
N MET A 547 -14.26 -3.20 -3.17
CA MET A 547 -13.57 -4.48 -3.17
C MET A 547 -12.17 -4.40 -3.78
N TYR A 548 -11.97 -3.60 -4.81
CA TYR A 548 -10.61 -3.53 -5.39
C TYR A 548 -9.64 -3.08 -4.33
N MET A 549 -10.00 -2.03 -3.61
CA MET A 549 -9.15 -1.53 -2.53
C MET A 549 -8.96 -2.55 -1.42
N ALA A 550 -10.03 -3.24 -0.99
CA ALA A 550 -9.88 -4.25 0.04
C ALA A 550 -8.97 -5.38 -0.42
N LEU A 551 -9.19 -5.90 -1.63
CA LEU A 551 -8.32 -6.98 -2.12
C LEU A 551 -6.87 -6.51 -2.30
N MET A 552 -6.66 -5.24 -2.64
CA MET A 552 -5.30 -4.75 -2.89
C MET A 552 -4.55 -4.66 -1.57
N CYS A 553 -5.25 -4.28 -0.49
CA CYS A 553 -4.65 -4.23 0.84
C CYS A 553 -4.48 -5.60 1.47
N GLY A 554 -4.98 -6.66 0.87
CA GLY A 554 -4.73 -7.97 1.41
C GLY A 554 -5.87 -8.62 2.16
N LEU A 555 -7.09 -8.05 2.13
CA LEU A 555 -8.21 -8.76 2.74
C LEU A 555 -8.80 -9.74 1.73
N LEU A 556 -9.60 -10.67 2.23
CA LEU A 556 -10.17 -11.72 1.41
C LEU A 556 -11.68 -11.83 1.63
N PRO A 557 -12.47 -12.11 0.60
CA PRO A 557 -13.88 -12.43 0.85
C PRO A 557 -13.99 -13.65 1.74
N ALA A 558 -14.77 -13.54 2.82
CA ALA A 558 -15.07 -14.71 3.64
C ALA A 558 -16.35 -15.39 3.17
N VAL A 559 -17.46 -14.66 3.17
CA VAL A 559 -18.74 -15.09 2.62
C VAL A 559 -19.27 -13.95 1.76
N GLU A 560 -20.30 -14.24 0.98
CA GLU A 560 -20.87 -13.24 0.09
C GLU A 560 -22.39 -13.27 0.21
N GLU A 561 -23.02 -12.13 -0.09
CA GLU A 561 -24.48 -12.00 -0.13
C GLU A 561 -25.08 -12.65 -1.37
N TYR A 562 -25.89 -13.70 -1.17
CA TYR A 562 -26.55 -14.44 -2.25
C TYR A 562 -27.95 -13.87 -2.44
N PRO A 563 -28.27 -13.28 -3.60
CA PRO A 563 -29.53 -12.50 -3.70
C PRO A 563 -30.61 -13.13 -4.55
N ASN A 564 -30.48 -14.39 -4.91
CA ASN A 564 -31.36 -15.01 -5.89
C ASN A 564 -32.61 -15.53 -5.17
N LYS A 565 -33.73 -14.83 -5.36
CA LYS A 565 -34.96 -15.19 -4.67
C LYS A 565 -35.61 -16.45 -5.22
N ASP A 566 -35.25 -16.85 -6.45
CA ASP A 566 -35.92 -17.99 -7.08
C ASP A 566 -35.37 -19.33 -6.62
N ASP A 567 -34.19 -19.35 -6.01
CA ASP A 567 -33.54 -20.60 -5.62
C ASP A 567 -33.03 -20.40 -4.20
N PHE A 568 -33.60 -21.15 -3.26
CA PHE A 568 -33.15 -21.13 -1.88
C PHE A 568 -32.36 -22.39 -1.53
N HIS A 569 -32.20 -23.30 -2.48
CA HIS A 569 -31.46 -24.54 -2.22
C HIS A 569 -30.04 -24.30 -1.69
N PRO A 570 -29.23 -23.37 -2.23
CA PRO A 570 -27.88 -23.17 -1.65
C PRO A 570 -27.92 -22.62 -0.24
N CYS A 571 -29.04 -22.02 0.17
CA CYS A 571 -29.18 -21.49 1.53
C CYS A 571 -29.66 -22.55 2.50
N GLN A 572 -30.59 -23.39 2.07
CA GLN A 572 -31.01 -24.52 2.90
C GLN A 572 -29.82 -25.45 3.18
N ILE A 573 -29.26 -26.05 2.13
CA ILE A 573 -28.10 -26.93 2.29
C ILE A 573 -26.84 -26.17 1.88
N PRO A 574 -26.11 -25.56 2.83
CA PRO A 574 -24.80 -24.98 2.52
C PRO A 574 -23.88 -25.92 1.76
N GLY A 575 -22.90 -25.36 1.05
CA GLY A 575 -22.00 -26.14 0.22
C GLY A 575 -22.58 -26.63 -1.09
N SER A 576 -23.89 -26.46 -1.29
CA SER A 576 -24.52 -27.00 -2.49
C SER A 576 -24.10 -26.21 -3.72
N THR A 577 -24.37 -26.81 -4.88
CA THR A 577 -24.04 -26.17 -6.14
C THR A 577 -25.02 -25.03 -6.41
N ILE A 578 -24.48 -23.93 -6.93
CA ILE A 578 -25.26 -22.73 -7.22
C ILE A 578 -25.38 -22.62 -8.73
N LYS A 579 -26.60 -22.80 -9.24
CA LYS A 579 -26.84 -22.67 -10.68
C LYS A 579 -26.62 -21.23 -11.13
N ASP A 580 -27.39 -20.31 -10.56
CA ASP A 580 -27.28 -18.89 -10.87
C ASP A 580 -27.13 -18.17 -9.54
N PHE A 581 -26.12 -17.32 -9.42
CA PHE A 581 -25.94 -16.56 -8.20
C PHE A 581 -26.92 -15.40 -8.10
N GLY A 582 -27.50 -14.98 -9.21
CA GLY A 582 -28.56 -14.01 -9.17
C GLY A 582 -28.13 -12.57 -9.22
N THR A 583 -26.83 -12.30 -9.30
CA THR A 583 -26.38 -10.92 -9.38
C THR A 583 -26.87 -10.28 -10.68
N LYS A 584 -26.92 -8.95 -10.68
CA LYS A 584 -27.28 -8.24 -11.89
C LYS A 584 -26.22 -8.46 -12.97
N ARG A 585 -26.62 -8.32 -14.23
CA ARG A 585 -25.69 -8.31 -15.35
C ARG A 585 -25.98 -7.06 -16.15
N ALA A 586 -24.96 -6.22 -16.32
CA ALA A 586 -25.11 -5.03 -17.14
C ALA A 586 -25.25 -5.43 -18.60
N VAL A 587 -26.20 -4.81 -19.29
CA VAL A 587 -26.43 -5.08 -20.70
C VAL A 587 -26.55 -3.75 -21.43
N ALA A 588 -26.39 -3.82 -22.75
CA ALA A 588 -26.68 -2.70 -23.65
C ALA A 588 -27.99 -2.99 -24.37
N LEU A 589 -28.99 -2.15 -24.12
CA LEU A 589 -30.37 -2.42 -24.52
C LEU A 589 -30.75 -1.56 -25.72
N VAL A 590 -31.23 -2.23 -26.78
CA VAL A 590 -31.65 -1.58 -28.03
C VAL A 590 -32.96 -2.21 -28.52
N LYS A 591 -33.66 -1.45 -29.36
CA LYS A 591 -34.88 -1.94 -29.99
C LYS A 591 -34.54 -2.84 -31.19
N LYS A 592 -35.42 -3.82 -31.46
CA LYS A 592 -35.24 -4.64 -32.66
C LYS A 592 -35.39 -3.84 -33.94
N SER A 593 -36.10 -2.72 -33.90
CA SER A 593 -36.24 -1.88 -35.09
C SER A 593 -34.90 -1.36 -35.58
N ASN A 594 -33.94 -1.21 -34.66
CA ASN A 594 -32.65 -0.57 -34.96
C ASN A 594 -31.62 -1.63 -35.35
N LYS A 595 -31.81 -2.19 -36.56
CA LYS A 595 -31.01 -3.33 -36.98
C LYS A 595 -29.59 -2.98 -37.39
N ASP A 596 -29.25 -1.70 -37.53
CA ASP A 596 -27.89 -1.34 -37.95
C ASP A 596 -26.90 -1.21 -36.80
N ILE A 597 -27.39 -1.05 -35.56
CA ILE A 597 -26.51 -0.78 -34.44
C ILE A 597 -25.93 -2.09 -33.91
N LYS A 598 -24.61 -2.15 -33.79
CA LYS A 598 -23.89 -3.22 -33.14
C LYS A 598 -22.98 -2.59 -32.08
N TRP A 599 -22.41 -3.42 -31.21
CA TRP A 599 -21.51 -2.91 -30.17
C TRP A 599 -20.39 -2.07 -30.78
N ASN A 600 -19.78 -2.55 -31.87
CA ASN A 600 -18.60 -1.89 -32.42
C ASN A 600 -18.88 -0.52 -33.04
N ASN A 601 -20.12 -0.02 -33.10
CA ASN A 601 -20.37 1.27 -33.76
C ASN A 601 -21.15 2.25 -32.88
N LEU A 602 -21.17 2.06 -31.56
CA LEU A 602 -21.86 3.02 -30.71
C LEU A 602 -21.25 4.40 -30.71
N LYS A 603 -20.17 4.65 -31.43
CA LYS A 603 -19.57 5.97 -31.34
C LYS A 603 -20.52 6.99 -31.98
N GLY A 604 -20.85 8.04 -31.23
CA GLY A 604 -21.71 9.10 -31.72
C GLY A 604 -23.20 8.85 -31.58
N LYS A 605 -23.63 7.63 -31.28
CA LYS A 605 -25.05 7.36 -31.12
C LYS A 605 -25.59 8.06 -29.88
N LYS A 606 -26.89 7.85 -29.62
CA LYS A 606 -27.59 8.44 -28.49
C LYS A 606 -27.81 7.36 -27.43
N SER A 607 -27.30 7.60 -26.22
CA SER A 607 -27.24 6.60 -25.18
C SER A 607 -27.97 7.07 -23.93
N CYS A 608 -28.46 6.11 -23.15
CA CYS A 608 -29.20 6.40 -21.93
C CYS A 608 -28.55 5.69 -20.76
N HIS A 609 -28.07 6.47 -19.80
CA HIS A 609 -27.46 5.96 -18.58
C HIS A 609 -28.39 6.19 -17.39
N THR A 610 -28.52 5.17 -16.54
CA THR A 610 -29.32 5.30 -15.33
C THR A 610 -28.88 6.50 -14.49
N HIS A 611 -27.59 6.64 -14.24
CA HIS A 611 -27.00 7.88 -13.72
C HIS A 611 -25.50 7.73 -13.66
N VAL A 612 -24.80 8.86 -13.56
CA VAL A 612 -23.37 8.84 -13.37
C VAL A 612 -23.04 8.17 -12.04
N GLY A 613 -22.10 7.22 -12.07
CA GLY A 613 -21.67 6.50 -10.89
C GLY A 613 -22.28 5.12 -10.74
N ASP A 614 -23.41 4.88 -11.37
CA ASP A 614 -24.00 3.57 -11.31
C ASP A 614 -23.04 2.58 -11.96
N ILE A 615 -22.94 1.38 -11.39
CA ILE A 615 -22.05 0.39 -11.95
C ILE A 615 -22.65 -0.24 -13.20
N PRO A 616 -23.87 -0.80 -13.17
CA PRO A 616 -24.37 -1.46 -14.40
C PRO A 616 -24.71 -0.49 -15.51
N GLY A 617 -24.92 0.78 -15.23
CA GLY A 617 -25.29 1.72 -16.27
C GLY A 617 -24.25 2.78 -16.60
N TRP A 618 -23.11 2.77 -15.90
CA TRP A 618 -22.10 3.78 -16.18
C TRP A 618 -20.66 3.26 -16.03
N VAL A 619 -20.29 2.70 -14.89
CA VAL A 619 -18.89 2.31 -14.68
C VAL A 619 -18.50 1.19 -15.64
N ILE A 620 -19.35 0.17 -15.77
CA ILE A 620 -19.09 -0.91 -16.72
C ILE A 620 -19.00 -0.38 -18.15
N PRO A 621 -19.96 0.41 -18.66
CA PRO A 621 -19.79 0.95 -20.02
C PRO A 621 -18.64 1.93 -20.15
N ALA A 622 -18.48 2.85 -19.20
CA ALA A 622 -17.35 3.78 -19.28
C ALA A 622 -16.03 3.03 -19.31
N GLY A 623 -15.94 1.93 -18.56
CA GLY A 623 -14.71 1.17 -18.53
C GLY A 623 -14.42 0.50 -19.86
N LEU A 624 -15.45 -0.06 -20.51
CA LEU A 624 -15.22 -0.70 -21.80
C LEU A 624 -14.88 0.33 -22.87
N ILE A 625 -15.57 1.47 -22.88
CA ILE A 625 -15.25 2.53 -23.84
C ILE A 625 -13.82 3.02 -23.65
N SER A 626 -13.42 3.21 -22.41
CA SER A 626 -12.07 3.68 -22.09
C SER A 626 -11.01 2.67 -22.54
N ASN A 627 -11.25 1.38 -22.35
CA ASN A 627 -10.25 0.37 -22.70
C ASN A 627 -10.11 0.17 -24.19
N GLN A 628 -11.14 0.51 -24.97
CA GLN A 628 -11.11 0.29 -26.41
C GLN A 628 -10.89 1.57 -27.21
N ASN A 629 -10.80 2.73 -26.57
CA ASN A 629 -10.72 3.98 -27.32
C ASN A 629 -9.72 4.97 -26.71
N ASP A 630 -8.71 4.44 -26.00
CA ASP A 630 -7.58 5.26 -25.51
C ASP A 630 -8.03 6.31 -24.50
N ASN A 631 -8.95 5.91 -23.61
CA ASN A 631 -9.43 6.73 -22.50
C ASN A 631 -10.14 8.00 -22.98
N ILE A 632 -10.70 7.96 -24.20
CA ILE A 632 -11.48 9.09 -24.69
C ILE A 632 -12.77 9.15 -23.91
N ASP A 633 -13.13 10.37 -23.47
CA ASP A 633 -14.25 10.57 -22.56
C ASP A 633 -15.53 9.92 -23.08
N ILE A 634 -16.26 9.27 -22.17
CA ILE A 634 -17.58 8.75 -22.49
C ILE A 634 -18.53 9.89 -22.86
N GLU A 635 -18.24 11.10 -22.39
CA GLU A 635 -18.90 12.31 -22.88
C GLU A 635 -18.74 12.43 -24.38
N SER A 636 -17.49 12.55 -24.84
CA SER A 636 -17.22 12.76 -26.24
C SER A 636 -17.58 11.54 -27.08
N PHE A 637 -17.59 10.34 -26.49
CA PHE A 637 -17.79 9.13 -27.28
C PHE A 637 -19.14 9.15 -27.97
N PHE A 638 -20.20 9.44 -27.21
CA PHE A 638 -21.55 9.40 -27.75
C PHE A 638 -21.92 10.73 -28.40
N GLY A 639 -23.07 10.73 -29.06
CA GLY A 639 -23.61 11.97 -29.54
C GLY A 639 -24.33 12.66 -28.40
N GLU A 640 -25.65 12.58 -28.41
CA GLU A 640 -26.46 13.20 -27.37
C GLU A 640 -27.01 12.10 -26.48
N SER A 641 -26.86 12.28 -25.16
CA SER A 641 -27.17 11.22 -24.21
C SER A 641 -27.91 11.80 -23.03
N CYS A 642 -28.42 10.89 -22.20
CA CYS A 642 -28.96 11.25 -20.88
C CYS A 642 -28.25 10.43 -19.81
N ALA A 643 -27.50 11.12 -18.96
CA ALA A 643 -26.83 10.52 -17.81
C ALA A 643 -26.99 11.49 -16.65
N PRO A 644 -28.01 11.28 -15.82
CA PRO A 644 -28.23 12.17 -14.67
C PRO A 644 -27.00 12.26 -13.79
N GLY A 645 -26.65 13.49 -13.40
CA GLY A 645 -25.46 13.78 -12.63
C GLY A 645 -24.43 14.58 -13.41
N SER A 646 -24.40 14.42 -14.73
CA SER A 646 -23.53 15.22 -15.57
C SER A 646 -23.94 16.68 -15.49
N ASP A 647 -23.08 17.56 -15.98
CA ASP A 647 -23.39 18.99 -16.01
C ASP A 647 -24.44 19.27 -17.09
N THR A 648 -25.43 20.10 -16.73
CA THR A 648 -26.62 20.31 -17.58
C THR A 648 -26.27 20.80 -18.98
N ASN A 649 -25.13 21.47 -19.15
CA ASN A 649 -24.75 22.02 -20.45
C ASN A 649 -24.10 20.98 -21.38
N SER A 650 -23.69 19.83 -20.87
CA SER A 650 -22.99 18.87 -21.72
C SER A 650 -23.97 18.08 -22.58
N LYS A 651 -23.41 17.35 -23.55
CA LYS A 651 -24.16 16.51 -24.46
C LYS A 651 -24.69 15.24 -23.81
N LEU A 652 -24.33 15.00 -22.55
CA LEU A 652 -24.90 13.92 -21.75
C LEU A 652 -26.19 14.31 -21.04
N CYS A 653 -26.63 15.56 -21.14
CA CYS A 653 -27.89 16.00 -20.57
C CYS A 653 -28.87 16.52 -21.60
N LYS A 654 -28.49 16.53 -22.88
CA LYS A 654 -29.38 17.05 -23.91
C LYS A 654 -30.65 16.22 -24.00
N LEU A 655 -30.50 14.89 -24.04
CA LEU A 655 -31.63 13.97 -24.04
C LEU A 655 -32.45 13.99 -22.75
N CYS A 656 -31.99 14.66 -21.71
CA CYS A 656 -32.63 14.56 -20.40
C CYS A 656 -33.83 15.50 -20.31
N ILE A 657 -35.01 14.92 -20.05
CA ILE A 657 -36.26 15.66 -19.94
C ILE A 657 -36.49 15.94 -18.45
N GLY A 658 -36.23 17.19 -18.05
CA GLY A 658 -36.23 17.60 -16.65
C GLY A 658 -37.34 17.09 -15.75
N ASP A 659 -38.56 17.63 -15.91
CA ASP A 659 -39.69 17.32 -15.05
C ASP A 659 -40.95 17.59 -15.85
N PRO A 660 -41.89 16.64 -15.92
CA PRO A 660 -43.20 16.96 -16.52
C PRO A 660 -43.95 18.08 -15.79
N GLU A 661 -43.69 18.30 -14.50
CA GLU A 661 -44.23 19.44 -13.75
C GLU A 661 -43.13 20.48 -13.64
N ASN A 662 -42.94 21.23 -14.73
CA ASN A 662 -41.80 22.14 -14.86
C ASN A 662 -41.74 23.11 -13.67
N PRO A 663 -40.58 23.23 -13.01
CA PRO A 663 -40.35 24.14 -11.87
C PRO A 663 -40.17 25.59 -12.28
N SER A 666 -34.82 23.46 -13.78
CA SER A 666 -34.14 23.33 -12.51
C SER A 666 -34.34 21.94 -11.90
N THR A 667 -34.76 20.99 -12.74
CA THR A 667 -34.83 19.58 -12.38
C THR A 667 -34.24 18.68 -13.46
N ARG A 668 -33.53 19.26 -14.43
CA ARG A 668 -33.03 18.52 -15.58
C ARG A 668 -31.65 17.96 -15.31
N CYS A 669 -31.44 16.71 -15.77
CA CYS A 669 -30.19 15.98 -15.53
C CYS A 669 -29.89 15.88 -14.04
N SER A 670 -30.95 15.73 -13.24
CA SER A 670 -30.87 15.75 -11.79
C SER A 670 -30.85 14.34 -11.21
N LEU A 671 -30.13 14.20 -10.08
CA LEU A 671 -30.06 12.93 -9.37
C LEU A 671 -31.26 12.70 -8.47
N SER A 672 -32.47 12.81 -9.03
CA SER A 672 -33.72 12.61 -8.31
C SER A 672 -34.76 12.03 -9.26
N ASP A 673 -35.83 11.49 -8.69
CA ASP A 673 -36.96 11.04 -9.50
C ASP A 673 -37.58 12.18 -10.29
N LYS A 674 -37.24 13.43 -9.96
CA LYS A 674 -37.61 14.58 -10.78
C LYS A 674 -37.26 14.34 -12.24
N GLU A 675 -36.02 13.94 -12.50
CA GLU A 675 -35.61 13.57 -13.86
C GLU A 675 -36.38 12.34 -14.32
N ALA A 676 -37.21 12.50 -15.34
CA ALA A 676 -38.03 11.41 -15.83
C ALA A 676 -37.20 10.26 -16.38
N TYR A 677 -35.92 10.50 -16.69
CA TYR A 677 -35.05 9.48 -17.26
C TYR A 677 -34.05 8.91 -16.25
N TYR A 678 -34.20 9.24 -14.96
CA TYR A 678 -33.31 8.73 -13.93
C TYR A 678 -33.64 7.28 -13.55
N GLY A 679 -32.59 6.49 -13.30
CA GLY A 679 -32.73 5.16 -12.72
C GLY A 679 -32.90 4.07 -13.76
N ASN A 680 -33.17 2.86 -13.27
CA ASN A 680 -33.35 1.71 -14.16
C ASN A 680 -34.49 1.95 -15.14
N GLU A 681 -35.70 2.14 -14.63
CA GLU A 681 -36.85 2.38 -15.50
C GLU A 681 -36.68 3.67 -16.30
N GLY A 682 -36.06 4.71 -15.73
CA GLY A 682 -35.90 5.98 -16.43
C GLY A 682 -35.00 5.88 -17.65
N ALA A 683 -33.91 5.13 -17.54
CA ALA A 683 -33.09 4.88 -18.72
C ALA A 683 -33.86 4.06 -19.75
N PHE A 684 -34.70 3.13 -19.30
CA PHE A 684 -35.52 2.38 -20.25
C PHE A 684 -36.54 3.29 -20.94
N ARG A 685 -36.95 4.36 -20.26
CA ARG A 685 -37.78 5.39 -20.89
C ARG A 685 -37.00 6.12 -21.98
N CYS A 686 -35.83 6.65 -21.62
CA CYS A 686 -35.02 7.39 -22.57
C CYS A 686 -34.77 6.60 -23.84
N LEU A 687 -34.59 5.27 -23.71
CA LEU A 687 -34.39 4.45 -24.90
C LEU A 687 -35.62 4.48 -25.80
N VAL A 688 -36.76 4.05 -25.27
CA VAL A 688 -37.96 3.92 -26.09
C VAL A 688 -38.42 5.27 -26.62
N GLU A 689 -38.26 6.34 -25.83
CA GLU A 689 -38.72 7.66 -26.26
C GLU A 689 -37.78 8.27 -27.30
N LYS A 690 -36.54 8.56 -26.89
CA LYS A 690 -35.60 9.33 -27.72
C LYS A 690 -34.18 8.78 -27.54
N GLY A 691 -33.92 7.57 -28.01
CA GLY A 691 -32.59 7.00 -27.82
C GLY A 691 -32.41 5.70 -28.58
N ASP A 692 -31.13 5.36 -28.82
CA ASP A 692 -30.77 4.14 -29.53
C ASP A 692 -30.25 3.03 -28.64
N VAL A 693 -29.62 3.37 -27.50
CA VAL A 693 -29.08 2.39 -26.58
C VAL A 693 -29.25 2.88 -25.14
N ALA A 694 -29.47 1.93 -24.24
CA ALA A 694 -29.54 2.19 -22.80
C ALA A 694 -28.69 1.17 -22.05
N PHE A 695 -27.91 1.65 -21.08
CA PHE A 695 -27.10 0.80 -20.21
C PHE A 695 -27.82 0.62 -18.88
N VAL A 696 -28.29 -0.59 -18.65
CA VAL A 696 -29.17 -0.89 -17.53
C VAL A 696 -28.89 -2.32 -17.06
N PRO A 697 -29.34 -2.70 -15.88
CA PRO A 697 -29.31 -4.13 -15.53
C PRO A 697 -30.27 -4.91 -16.40
N HIS A 698 -30.00 -6.20 -16.52
CA HIS A 698 -30.79 -7.06 -17.39
C HIS A 698 -32.24 -7.17 -16.96
N THR A 699 -32.59 -6.66 -15.77
CA THR A 699 -33.92 -6.81 -15.20
C THR A 699 -34.89 -5.70 -15.59
N VAL A 700 -34.38 -4.57 -16.08
CA VAL A 700 -35.23 -3.41 -16.32
C VAL A 700 -36.25 -3.68 -17.41
N VAL A 701 -35.82 -4.31 -18.50
CA VAL A 701 -36.72 -4.53 -19.63
C VAL A 701 -37.85 -5.47 -19.23
N PHE A 702 -37.54 -6.52 -18.47
CA PHE A 702 -38.57 -7.47 -18.08
C PHE A 702 -39.53 -6.87 -17.05
N ALA A 703 -39.06 -5.89 -16.29
CA ALA A 703 -39.91 -5.21 -15.32
C ALA A 703 -40.79 -4.15 -15.95
N ASN A 704 -40.59 -3.80 -17.23
CA ASN A 704 -41.31 -2.71 -17.85
C ASN A 704 -41.92 -3.05 -19.20
N THR A 705 -41.84 -4.31 -19.63
CA THR A 705 -42.52 -4.79 -20.82
C THR A 705 -43.57 -5.81 -20.42
N ASP A 706 -44.24 -6.38 -21.44
CA ASP A 706 -45.36 -7.30 -21.22
C ASP A 706 -46.41 -6.69 -20.30
N GLY A 707 -46.59 -5.38 -20.43
CA GLY A 707 -47.58 -4.62 -19.68
C GLY A 707 -47.34 -4.57 -18.18
N LYS A 708 -46.14 -4.98 -17.74
CA LYS A 708 -45.87 -5.06 -16.31
C LYS A 708 -45.82 -3.68 -15.67
N ASN A 709 -45.59 -2.63 -16.44
CA ASN A 709 -45.66 -1.29 -15.89
C ASN A 709 -46.93 -0.62 -16.39
N PRO A 710 -47.75 -0.08 -15.48
CA PRO A 710 -49.06 0.46 -15.90
C PRO A 710 -48.97 1.76 -16.66
N ALA A 711 -47.89 2.53 -16.52
CA ALA A 711 -47.80 3.83 -17.14
C ALA A 711 -47.99 3.73 -18.66
N GLU A 712 -48.39 4.87 -19.25
CA GLU A 712 -48.83 4.89 -20.64
C GLU A 712 -47.69 4.59 -21.61
N TRP A 713 -46.50 5.11 -21.33
CA TRP A 713 -45.37 4.93 -22.24
C TRP A 713 -44.97 3.46 -22.39
N ALA A 714 -45.07 2.69 -21.30
CA ALA A 714 -44.85 1.24 -21.36
C ALA A 714 -46.15 0.46 -21.54
N LYS A 715 -47.08 1.02 -22.32
CA LYS A 715 -48.39 0.40 -22.53
C LYS A 715 -48.26 -0.94 -23.25
N ASP A 716 -48.27 -2.04 -22.49
CA ASP A 716 -48.19 -3.39 -23.06
C ASP A 716 -46.99 -3.53 -24.00
N LEU A 717 -45.92 -2.81 -23.70
CA LEU A 717 -44.71 -2.89 -24.51
C LEU A 717 -44.13 -4.30 -24.42
N LYS A 718 -43.61 -4.80 -25.53
CA LYS A 718 -43.28 -6.22 -25.64
C LYS A 718 -41.81 -6.46 -25.35
N SER A 719 -41.52 -7.47 -24.51
CA SER A 719 -40.12 -7.84 -24.27
C SER A 719 -39.45 -8.31 -25.56
N GLU A 720 -40.20 -8.93 -26.46
CA GLU A 720 -39.71 -9.33 -27.78
C GLU A 720 -39.61 -8.17 -28.75
N ASP A 721 -39.45 -6.94 -28.26
CA ASP A 721 -39.25 -5.77 -29.10
C ASP A 721 -37.88 -5.15 -28.91
N PHE A 722 -37.04 -5.75 -28.08
CA PHE A 722 -35.70 -5.26 -27.80
C PHE A 722 -34.73 -6.42 -27.80
N GLU A 723 -33.46 -6.09 -28.01
CA GLU A 723 -32.37 -7.04 -27.95
C GLU A 723 -31.23 -6.44 -27.13
N ILE A 724 -30.23 -7.26 -26.86
CA ILE A 724 -29.02 -6.82 -26.18
C ILE A 724 -27.84 -6.94 -27.14
N LEU A 725 -26.85 -6.08 -26.96
CA LEU A 725 -25.65 -6.06 -27.80
C LEU A 725 -24.56 -6.91 -27.16
N CYS A 726 -24.05 -7.89 -27.91
CA CYS A 726 -22.87 -8.66 -27.51
C CYS A 726 -21.60 -7.92 -27.95
N LEU A 727 -20.53 -8.16 -27.19
CA LEU A 727 -19.28 -7.48 -27.45
C LEU A 727 -18.62 -7.90 -28.76
N ASP A 728 -19.02 -9.03 -29.33
CA ASP A 728 -18.46 -9.51 -30.59
C ASP A 728 -19.16 -8.91 -31.81
N GLY A 729 -19.94 -7.85 -31.62
CA GLY A 729 -20.68 -7.23 -32.69
C GLY A 729 -22.03 -7.85 -32.98
N SER A 730 -22.34 -9.00 -32.40
CA SER A 730 -23.60 -9.66 -32.65
C SER A 730 -24.69 -9.09 -31.72
N ARG A 731 -25.87 -9.69 -31.75
CA ARG A 731 -26.98 -9.34 -30.86
C ARG A 731 -27.60 -10.63 -30.32
N ALA A 732 -28.54 -10.47 -29.39
CA ALA A 732 -29.23 -11.61 -28.80
C ALA A 732 -30.53 -11.12 -28.17
N PRO A 733 -31.56 -11.98 -28.10
CA PRO A 733 -32.77 -11.60 -27.36
C PRO A 733 -32.43 -11.36 -25.90
N VAL A 734 -33.18 -10.46 -25.27
CA VAL A 734 -32.83 -10.01 -23.93
C VAL A 734 -32.90 -11.14 -22.90
N THR A 735 -33.47 -12.29 -23.26
CA THR A 735 -33.52 -13.42 -22.36
C THR A 735 -32.17 -14.13 -22.21
N ASN A 736 -31.26 -13.95 -23.16
CA ASN A 736 -29.93 -14.56 -23.09
C ASN A 736 -28.88 -13.65 -22.47
N TYR A 737 -29.22 -12.89 -21.42
CA TYR A 737 -28.29 -11.99 -20.76
C TYR A 737 -27.12 -12.72 -20.10
N ARG A 738 -27.18 -14.04 -19.98
CA ARG A 738 -26.13 -14.77 -19.27
C ARG A 738 -24.86 -14.88 -20.11
N GLY A 739 -24.99 -14.83 -21.42
CA GLY A 739 -23.84 -14.99 -22.29
C GLY A 739 -23.72 -13.88 -23.30
N CYS A 740 -24.58 -12.84 -23.19
CA CYS A 740 -24.52 -11.67 -24.06
C CYS A 740 -24.80 -10.43 -23.19
N ASN A 741 -23.84 -10.11 -22.33
CA ASN A 741 -23.90 -8.96 -21.44
C ASN A 741 -22.61 -8.17 -21.58
N LEU A 742 -22.64 -6.89 -21.18
CA LEU A 742 -21.39 -6.15 -21.03
C LEU A 742 -20.53 -6.78 -19.93
N SER A 743 -21.12 -7.04 -18.77
CA SER A 743 -20.41 -7.70 -17.69
C SER A 743 -21.37 -8.02 -16.55
N GLY A 744 -21.21 -9.22 -15.96
CA GLY A 744 -21.93 -9.50 -14.73
C GLY A 744 -21.24 -8.85 -13.54
N LEU A 745 -22.06 -8.39 -12.58
CA LEU A 745 -21.43 -7.90 -11.36
C LEU A 745 -21.13 -9.03 -10.38
N PRO A 746 -20.14 -8.84 -9.51
CA PRO A 746 -19.91 -9.77 -8.43
C PRO A 746 -20.82 -9.45 -7.26
N PRO A 747 -21.14 -10.43 -6.43
CA PRO A 747 -21.95 -10.16 -5.23
C PRO A 747 -21.17 -9.32 -4.24
N ARG A 748 -21.93 -8.67 -3.35
CA ARG A 748 -21.30 -8.01 -2.21
C ARG A 748 -20.69 -9.08 -1.33
N ALA A 749 -19.67 -8.69 -0.57
CA ALA A 749 -18.80 -9.64 0.10
C ALA A 749 -18.50 -9.17 1.49
N ILE A 750 -18.42 -10.12 2.41
CA ILE A 750 -17.96 -9.88 3.77
C ILE A 750 -16.47 -10.21 3.80
N VAL A 751 -15.64 -9.21 4.07
CA VAL A 751 -14.18 -9.37 3.99
C VAL A 751 -13.59 -9.38 5.39
N THR A 752 -12.44 -10.05 5.51
CA THR A 752 -11.67 -10.13 6.75
C THR A 752 -10.20 -10.37 6.40
N ARG A 753 -9.36 -10.46 7.44
CA ARG A 753 -7.94 -10.78 7.26
C ARG A 753 -7.78 -12.23 6.82
N GLU A 754 -6.72 -12.50 6.06
CA GLU A 754 -6.52 -13.85 5.54
C GLU A 754 -6.58 -14.89 6.66
N GLU A 755 -5.91 -14.63 7.77
CA GLU A 755 -5.84 -15.65 8.81
C GLU A 755 -7.17 -15.89 9.52
N SER A 756 -8.14 -14.99 9.39
CA SER A 756 -9.40 -15.09 10.14
C SER A 756 -10.55 -15.57 9.28
N VAL A 757 -10.29 -15.86 7.99
CA VAL A 757 -11.36 -16.30 7.11
C VAL A 757 -12.08 -17.50 7.70
N SER A 758 -11.33 -18.48 8.19
CA SER A 758 -11.99 -19.71 8.61
C SER A 758 -12.88 -19.46 9.83
N ASP A 759 -12.39 -18.70 10.80
CA ASP A 759 -13.18 -18.30 11.96
C ASP A 759 -14.47 -17.59 11.56
N VAL A 760 -14.34 -16.54 10.74
CA VAL A 760 -15.51 -15.73 10.38
C VAL A 760 -16.52 -16.57 9.63
N VAL A 761 -16.07 -17.43 8.71
CA VAL A 761 -17.02 -18.30 8.00
C VAL A 761 -17.79 -19.16 8.98
N ARG A 762 -17.07 -19.78 9.93
CA ARG A 762 -17.72 -20.70 10.86
C ARG A 762 -18.75 -19.96 11.73
N ILE A 763 -18.36 -18.81 12.27
CA ILE A 763 -19.25 -18.06 13.16
C ILE A 763 -20.45 -17.53 12.41
N LEU A 764 -20.22 -16.93 11.23
CA LEU A 764 -21.35 -16.37 10.47
C LEU A 764 -22.30 -17.45 10.01
N ILE A 765 -21.80 -18.62 9.59
CA ILE A 765 -22.70 -19.68 9.15
C ILE A 765 -23.53 -20.19 10.32
N ASN A 766 -22.95 -20.20 11.52
CA ASN A 766 -23.71 -20.63 12.67
C ASN A 766 -24.77 -19.61 13.05
N GLN A 767 -24.40 -18.33 13.06
CA GLN A 767 -25.39 -17.27 13.27
C GLN A 767 -26.54 -17.38 12.26
N GLN A 768 -26.23 -17.72 11.03
CA GLN A 768 -27.25 -17.77 10.00
C GLN A 768 -28.23 -18.91 10.23
N SER A 769 -27.76 -20.00 10.84
CA SER A 769 -28.67 -21.09 11.12
C SER A 769 -29.63 -20.73 12.24
N LEU A 770 -29.25 -19.79 13.11
CA LEU A 770 -30.13 -19.26 14.16
C LEU A 770 -31.01 -18.11 13.68
N TYR A 771 -30.41 -17.12 13.02
CA TYR A 771 -31.10 -15.86 12.77
C TYR A 771 -31.23 -15.51 11.29
N GLY A 772 -30.90 -16.42 10.39
CA GLY A 772 -31.15 -16.20 8.98
C GLY A 772 -32.63 -16.36 8.65
N ARG A 773 -32.91 -16.49 7.36
CA ARG A 773 -34.29 -16.46 6.89
C ARG A 773 -35.06 -17.72 7.27
N ASN A 774 -34.36 -18.84 7.44
CA ASN A 774 -34.95 -20.06 7.95
C ASN A 774 -34.33 -20.43 9.29
N GLY A 775 -33.93 -19.43 10.06
CA GLY A 775 -33.17 -19.68 11.27
C GLY A 775 -34.01 -20.38 12.33
N PHE A 776 -33.36 -21.23 13.11
CA PHE A 776 -34.08 -21.91 14.18
C PHE A 776 -34.58 -20.93 15.24
N GLU A 777 -33.93 -19.77 15.38
CA GLU A 777 -34.29 -18.79 16.41
C GLU A 777 -34.62 -17.44 15.78
N LYS A 778 -35.26 -17.47 14.61
CA LYS A 778 -35.53 -16.24 13.86
C LYS A 778 -36.52 -15.33 14.57
N ASP A 779 -37.26 -15.85 15.56
CA ASP A 779 -38.10 -14.96 16.33
C ASP A 779 -37.29 -14.12 17.29
N MET A 780 -36.10 -14.55 17.68
CA MET A 780 -35.32 -13.69 18.55
C MET A 780 -34.52 -12.62 17.84
N PHE A 781 -34.21 -12.79 16.55
CA PHE A 781 -33.44 -11.79 15.83
C PHE A 781 -33.35 -12.20 14.37
N GLN A 782 -33.44 -11.21 13.47
CA GLN A 782 -33.37 -11.48 12.03
C GLN A 782 -32.16 -10.73 11.44
N MET A 783 -31.23 -11.49 10.85
CA MET A 783 -30.02 -10.83 10.36
C MET A 783 -30.30 -9.91 9.19
N PHE A 784 -31.27 -10.25 8.35
CA PHE A 784 -31.41 -9.58 7.05
C PHE A 784 -32.56 -8.60 6.98
N SER A 785 -32.98 -8.05 8.13
CA SER A 785 -33.92 -6.92 8.13
C SER A 785 -33.76 -6.14 9.43
N SER A 786 -34.53 -5.06 9.56
CA SER A 786 -34.51 -4.32 10.81
C SER A 786 -35.53 -3.20 10.75
N ALA A 787 -36.03 -2.84 11.94
CA ALA A 787 -36.87 -1.67 12.11
C ALA A 787 -36.07 -0.39 12.30
N LYS A 788 -34.78 -0.51 12.53
CA LYS A 788 -33.97 0.68 12.76
C LYS A 788 -33.53 1.37 11.46
N GLY A 789 -33.77 0.76 10.30
CA GLY A 789 -33.34 1.33 9.03
C GLY A 789 -33.24 0.27 7.95
N GLN A 790 -32.76 0.70 6.78
CA GLN A 790 -32.70 -0.15 5.59
C GLN A 790 -31.28 -0.63 5.30
N ASN A 791 -31.14 -1.90 4.96
CA ASN A 791 -29.86 -2.47 4.56
C ASN A 791 -28.78 -2.18 5.61
N LEU A 792 -29.11 -2.42 6.87
CA LEU A 792 -28.14 -2.28 7.94
C LEU A 792 -27.33 -3.57 8.03
N LEU A 793 -26.01 -3.43 7.93
CA LEU A 793 -25.02 -4.52 8.01
C LEU A 793 -25.01 -5.37 6.74
N PHE A 794 -26.18 -5.84 6.33
CA PHE A 794 -26.38 -6.61 5.12
C PHE A 794 -27.49 -5.95 4.32
N ASN A 795 -27.62 -6.35 3.07
CA ASN A 795 -28.68 -5.84 2.24
C ASN A 795 -29.97 -6.62 2.51
N ASP A 796 -31.08 -5.89 2.66
CA ASP A 796 -32.32 -6.51 3.13
C ASP A 796 -32.82 -7.60 2.18
N GLU A 797 -32.39 -7.59 0.91
CA GLU A 797 -32.83 -8.60 -0.05
C GLU A 797 -31.94 -9.84 -0.05
N THR A 798 -30.95 -9.89 0.85
CA THR A 798 -30.05 -11.02 0.91
C THR A 798 -30.82 -12.28 1.30
N GLN A 799 -30.59 -13.36 0.57
CA GLN A 799 -31.22 -14.63 0.92
C GLN A 799 -30.43 -15.32 2.03
N CYS A 800 -29.12 -15.40 1.87
CA CYS A 800 -28.21 -15.94 2.87
C CYS A 800 -26.79 -15.55 2.47
N LEU A 801 -25.84 -15.84 3.35
CA LEU A 801 -24.42 -15.66 3.11
C LEU A 801 -23.81 -16.99 2.70
N ILE A 802 -23.11 -16.99 1.57
CA ILE A 802 -22.49 -18.19 0.99
C ILE A 802 -20.98 -18.07 1.14
N GLU A 803 -20.35 -19.13 1.65
CA GLU A 803 -18.90 -19.13 1.79
C GLU A 803 -18.23 -18.96 0.43
N PHE A 804 -17.24 -18.08 0.36
CA PHE A 804 -16.47 -17.84 -0.87
C PHE A 804 -15.57 -19.04 -1.15
N ASP A 805 -15.76 -19.69 -2.30
CA ASP A 805 -14.94 -20.83 -2.70
C ASP A 805 -13.68 -20.30 -3.38
N ARG A 806 -12.59 -20.19 -2.62
CA ARG A 806 -11.34 -19.68 -3.17
C ARG A 806 -10.80 -20.61 -4.25
N GLN A 807 -10.55 -20.06 -5.42
CA GLN A 807 -9.97 -20.80 -6.53
C GLN A 807 -8.46 -20.55 -6.60
N PRO A 808 -7.70 -21.41 -7.33
CA PRO A 808 -6.27 -21.09 -7.49
C PRO A 808 -6.04 -20.21 -8.71
N LYS A 809 -6.44 -18.94 -8.57
CA LYS A 809 -6.18 -17.89 -9.53
C LYS A 809 -5.97 -16.60 -8.75
N ASP A 810 -5.61 -15.52 -9.47
CA ASP A 810 -5.51 -14.21 -8.84
C ASP A 810 -6.82 -13.86 -8.13
N ILE A 811 -6.69 -13.31 -6.92
CA ILE A 811 -7.89 -12.98 -6.13
C ILE A 811 -8.75 -11.97 -6.86
N MET A 812 -8.12 -11.10 -7.66
CA MET A 812 -8.87 -10.13 -8.45
C MET A 812 -9.77 -10.84 -9.43
N GLU A 813 -9.21 -11.79 -10.16
CA GLU A 813 -10.01 -12.54 -11.10
C GLU A 813 -10.98 -13.46 -10.36
N ASP A 814 -10.57 -14.01 -9.21
CA ASP A 814 -11.43 -14.92 -8.46
C ASP A 814 -12.68 -14.20 -7.97
N TYR A 815 -12.51 -13.02 -7.37
CA TYR A 815 -13.64 -12.29 -6.81
C TYR A 815 -14.43 -11.56 -7.90
N PHE A 816 -13.76 -10.78 -8.76
CA PHE A 816 -14.49 -9.96 -9.73
C PHE A 816 -14.99 -10.77 -10.92
N GLY A 817 -14.38 -11.90 -11.22
CA GLY A 817 -14.60 -12.53 -12.50
C GLY A 817 -13.80 -11.83 -13.60
N VAL A 818 -13.30 -12.59 -14.58
CA VAL A 818 -12.36 -12.01 -15.54
C VAL A 818 -13.02 -10.87 -16.31
N ARG A 819 -14.29 -11.02 -16.66
CA ARG A 819 -14.94 -10.00 -17.49
C ARG A 819 -14.98 -8.66 -16.78
N TYR A 820 -15.42 -8.62 -15.52
CA TYR A 820 -15.52 -7.36 -14.78
C TYR A 820 -14.15 -6.78 -14.47
N TYR A 821 -13.22 -7.62 -14.01
CA TYR A 821 -11.83 -7.19 -13.76
C TYR A 821 -11.24 -6.48 -14.99
N THR A 822 -11.37 -7.09 -16.16
CA THR A 822 -10.92 -6.50 -17.42
C THR A 822 -11.68 -5.19 -17.71
N ALA A 823 -13.01 -5.25 -17.70
CA ALA A 823 -13.82 -4.11 -18.13
C ALA A 823 -13.55 -2.86 -17.31
N VAL A 824 -13.41 -2.99 -16.00
CA VAL A 824 -13.37 -1.84 -15.08
C VAL A 824 -11.95 -1.48 -14.65
N TYR A 825 -11.09 -2.49 -14.51
CA TYR A 825 -9.73 -2.24 -14.02
C TYR A 825 -8.64 -2.61 -15.03
N SER A 826 -9.01 -2.92 -16.28
CA SER A 826 -8.06 -3.38 -17.30
C SER A 826 -7.30 -4.63 -16.86
N ALA A 827 -7.90 -5.42 -15.97
CA ALA A 827 -7.26 -6.61 -15.43
C ALA A 827 -5.87 -6.29 -14.89
N SER A 828 -5.72 -5.10 -14.33
CA SER A 828 -4.46 -4.63 -13.77
C SER A 828 -4.55 -4.54 -12.26
N ARG A 829 -3.44 -4.85 -11.58
CA ARG A 829 -3.31 -4.57 -10.16
C ARG A 829 -2.67 -3.20 -9.90
N SER A 830 -2.76 -2.27 -10.85
CA SER A 830 -2.09 -0.99 -10.71
C SER A 830 -3.04 0.21 -10.70
N ALA A 831 -4.35 0.00 -10.77
CA ALA A 831 -5.27 1.10 -10.62
C ALA A 831 -5.28 1.62 -9.17
N VAL A 832 -5.59 2.89 -8.99
CA VAL A 832 -5.54 3.48 -7.66
C VAL A 832 -6.87 4.18 -7.36
N PRO A 833 -7.96 3.43 -7.18
CA PRO A 833 -9.23 4.09 -6.88
C PRO A 833 -9.25 4.73 -5.50
N SER A 834 -8.37 4.33 -4.60
CA SER A 834 -8.32 4.93 -3.27
C SER A 834 -6.87 5.25 -2.90
N GLU A 835 -6.62 6.43 -2.33
CA GLU A 835 -5.26 6.80 -1.92
C GLU A 835 -4.77 5.97 -0.76
N LEU A 836 -5.62 5.13 -0.18
CA LEU A 836 -5.14 4.22 0.85
C LEU A 836 -4.27 3.14 0.23
N ILE A 837 -4.55 2.75 -1.03
CA ILE A 837 -3.85 1.62 -1.65
C ILE A 837 -2.33 1.76 -1.61
N PRO A 838 -1.72 2.92 -1.97
CA PRO A 838 -0.25 3.01 -1.89
C PRO A 838 0.28 2.87 -0.49
N ALA A 839 -0.50 3.27 0.53
CA ALA A 839 -0.06 3.07 1.91
C ALA A 839 -0.19 1.62 2.33
N CYS A 840 -1.31 0.97 2.03
CA CYS A 840 -1.49 -0.37 2.55
C CYS A 840 -0.73 -1.43 1.75
N THR A 841 -0.17 -1.08 0.58
CA THR A 841 0.69 -2.01 -0.15
C THR A 841 2.17 -1.75 0.03
N PHE A 842 2.55 -0.71 0.76
CA PHE A 842 3.94 -0.44 1.06
C PHE A 842 4.61 -1.67 1.65
N LYS A 843 5.82 -2.00 1.16
CA LYS A 843 6.52 -3.25 1.52
C LYS A 843 7.36 -3.07 2.77
N HIS A 844 7.53 -4.16 3.53
CA HIS A 844 8.17 -4.04 4.83
C HIS A 844 9.41 -4.94 4.95
N CYS A 845 10.16 -4.70 6.02
CA CYS A 845 11.40 -5.42 6.33
C CYS A 845 11.14 -6.25 7.57
N SER A 846 10.43 -7.35 7.39
CA SER A 846 10.02 -8.19 8.51
C SER A 846 10.58 -9.61 8.37
N ASN A 847 10.55 -10.32 9.48
CA ASN A 847 11.14 -11.64 9.60
C ASN A 847 10.07 -12.72 9.71
N SER A 848 10.54 -13.97 9.78
CA SER A 848 9.71 -15.14 9.83
C SER A 848 9.84 -15.83 11.18
#